data_6OR9
#
_entry.id   6OR9
#
_cell.length_a   63.390
_cell.length_b   76.480
_cell.length_c   79.520
_cell.angle_alpha   113.06
_cell.angle_beta   109.84
_cell.angle_gamma   88.70
#
_symmetry.space_group_name_H-M   'P 1'
#
loop_
_entity.id
_entity.type
_entity.pdbx_description
1 polymer 'L-lactate dehydrogenase'
2 water water
#
_entity_poly.entity_id   1
_entity_poly.type   'polypeptide(L)'
_entity_poly.pdbx_seq_one_letter_code
;MRPYVCLRLFSRNATRFAYNLSLPLPPLGVIGKMATIEKLFQPVQEKLDDTGNKVTVVGVGQVGMAAVFSMITQGVTNNI
AMVDVMADKLKGELMDLQHGSAFMRNVKIQASTDYSISAGSKICVVTAGVRQREGESRLDLVQRNTDVLKIIIPQLVKHS
PDTILIIASNPVDILTYVSWKLSGLPKHRVIGSGTNLDSARFRYLLSEKLGIATTSCHGYIIGEHGDSSVPVWSGVNIAG
VRLSDLNQKIGSDSDPENWKETHTMVVKSAYEVIKLKGYTSWAIGLSLSQLARAILSNANSVHAVSTYLKGEHDINDEVF
LSLPCVLGRSGVCDVIRQPLTQTERSQLHQSADLMAKVQAGIKF
;
_entity_poly.pdbx_strand_id   A,B,C,D
#
# COMPACT_ATOMS: atom_id res chain seq x y z
N GLY A 52 2.41 -17.66 13.78
CA GLY A 52 1.17 -17.31 14.44
C GLY A 52 0.14 -16.77 13.46
N ASN A 53 0.47 -16.85 12.16
CA ASN A 53 -0.41 -16.37 11.10
C ASN A 53 -0.72 -17.43 10.06
N LYS A 54 -0.46 -18.71 10.35
CA LYS A 54 -0.63 -19.75 9.35
C LYS A 54 -2.11 -19.97 9.04
N VAL A 55 -2.43 -20.05 7.75
CA VAL A 55 -3.79 -20.30 7.28
C VAL A 55 -3.76 -21.57 6.44
N THR A 56 -4.66 -22.51 6.75
CA THR A 56 -4.88 -23.64 5.87
C THR A 56 -6.14 -23.39 5.06
N VAL A 57 -6.09 -23.68 3.77
CA VAL A 57 -7.27 -23.67 2.91
C VAL A 57 -7.51 -25.10 2.47
N VAL A 58 -8.69 -25.62 2.79
CA VAL A 58 -9.08 -26.96 2.37
C VAL A 58 -9.90 -26.85 1.09
N GLY A 59 -9.42 -27.49 0.02
CA GLY A 59 -10.08 -27.43 -1.26
C GLY A 59 -9.35 -26.49 -2.19
N VAL A 60 -8.83 -27.01 -3.30
CA VAL A 60 -8.14 -26.15 -4.26
C VAL A 60 -9.01 -26.03 -5.51
N GLY A 61 -10.33 -26.01 -5.32
CA GLY A 61 -11.21 -25.63 -6.39
C GLY A 61 -11.15 -24.12 -6.64
N GLN A 62 -12.15 -23.61 -7.36
CA GLN A 62 -12.12 -22.21 -7.74
CA GLN A 62 -12.14 -22.20 -7.73
C GLN A 62 -12.18 -21.30 -6.50
N VAL A 63 -13.05 -21.63 -5.55
CA VAL A 63 -13.18 -20.78 -4.35
C VAL A 63 -11.90 -20.81 -3.53
N GLY A 64 -11.40 -22.02 -3.25
CA GLY A 64 -10.21 -22.15 -2.43
C GLY A 64 -9.00 -21.46 -3.03
N MET A 65 -8.77 -21.64 -4.35
CA MET A 65 -7.62 -20.98 -4.96
C MET A 65 -7.80 -19.46 -4.98
N ALA A 66 -9.04 -18.97 -5.17
CA ALA A 66 -9.22 -17.52 -5.14
C ALA A 66 -8.93 -16.96 -3.76
N ALA A 67 -9.29 -17.69 -2.70
CA ALA A 67 -8.95 -17.32 -1.33
C ALA A 67 -7.44 -17.30 -1.12
N VAL A 68 -6.76 -18.36 -1.55
CA VAL A 68 -5.30 -18.41 -1.40
C VAL A 68 -4.66 -17.23 -2.15
N PHE A 69 -5.03 -17.04 -3.41
CA PHE A 69 -4.41 -15.98 -4.20
C PHE A 69 -4.69 -14.62 -3.58
N SER A 70 -5.93 -14.40 -3.12
CA SER A 70 -6.28 -13.15 -2.47
C SER A 70 -5.40 -12.91 -1.25
N MET A 71 -5.21 -13.94 -0.41
CA MET A 71 -4.49 -13.72 0.84
C MET A 71 -3.01 -13.45 0.59
N ILE A 72 -2.41 -14.17 -0.36
CA ILE A 72 -0.97 -13.99 -0.52
C ILE A 72 -0.65 -12.76 -1.36
N THR A 73 -1.52 -12.36 -2.29
CA THR A 73 -1.25 -11.14 -3.03
C THR A 73 -1.63 -9.89 -2.26
N GLN A 74 -2.42 -10.00 -1.19
CA GLN A 74 -2.80 -8.84 -0.41
C GLN A 74 -2.13 -8.78 0.95
N GLY A 75 -1.17 -9.67 1.21
CA GLY A 75 -0.41 -9.58 2.44
C GLY A 75 -1.12 -10.04 3.68
N VAL A 76 -2.15 -10.89 3.55
CA VAL A 76 -2.92 -11.31 4.72
C VAL A 76 -2.12 -12.27 5.57
N THR A 77 -1.39 -13.19 4.92
CA THR A 77 -0.51 -14.07 5.66
C THR A 77 0.67 -14.41 4.78
N ASN A 78 1.75 -14.83 5.40
CA ASN A 78 2.91 -15.30 4.66
C ASN A 78 3.17 -16.79 4.89
N ASN A 79 2.15 -17.52 5.34
CA ASN A 79 2.35 -18.92 5.69
C ASN A 79 1.01 -19.60 5.40
N ILE A 80 0.94 -20.33 4.28
CA ILE A 80 -0.31 -20.92 3.85
CA ILE A 80 -0.29 -20.90 3.74
C ILE A 80 -0.10 -22.39 3.50
N ALA A 81 -1.10 -23.19 3.84
CA ALA A 81 -1.11 -24.60 3.49
C ALA A 81 -2.39 -24.88 2.71
N MET A 82 -2.28 -25.66 1.64
CA MET A 82 -3.41 -26.08 0.85
C MET A 82 -3.57 -27.59 0.97
N VAL A 83 -4.78 -28.05 1.29
CA VAL A 83 -5.02 -29.49 1.42
C VAL A 83 -6.22 -29.86 0.55
N ASP A 84 -6.14 -31.04 -0.08
CA ASP A 84 -7.20 -31.56 -0.92
C ASP A 84 -6.87 -33.05 -1.11
N VAL A 85 -7.60 -33.71 -1.98
CA VAL A 85 -7.31 -35.11 -2.28
C VAL A 85 -6.58 -35.26 -3.61
N MET A 86 -6.53 -34.22 -4.41
CA MET A 86 -5.98 -34.30 -5.75
C MET A 86 -4.49 -33.94 -5.70
N ALA A 87 -3.64 -34.97 -5.67
CA ALA A 87 -2.22 -34.75 -5.44
C ALA A 87 -1.57 -33.91 -6.55
N ASP A 88 -1.87 -34.23 -7.82
CA ASP A 88 -1.24 -33.50 -8.92
C ASP A 88 -1.73 -32.05 -8.97
N LYS A 89 -3.03 -31.84 -8.75
CA LYS A 89 -3.57 -30.48 -8.76
C LYS A 89 -2.96 -29.64 -7.66
N LEU A 90 -2.82 -30.21 -6.45
CA LEU A 90 -2.17 -29.51 -5.35
C LEU A 90 -0.77 -29.07 -5.74
N LYS A 91 0.03 -30.02 -6.26
CA LYS A 91 1.40 -29.69 -6.65
C LYS A 91 1.45 -28.67 -7.77
N GLY A 92 0.55 -28.79 -8.74
CA GLY A 92 0.51 -27.83 -9.84
C GLY A 92 0.17 -26.44 -9.35
N GLU A 93 -0.85 -26.33 -8.49
CA GLU A 93 -1.17 -25.01 -7.96
C GLU A 93 -0.02 -24.48 -7.12
N LEU A 94 0.59 -25.34 -6.31
CA LEU A 94 1.72 -24.90 -5.49
C LEU A 94 2.82 -24.32 -6.37
N MET A 95 3.18 -25.04 -7.44
CA MET A 95 4.28 -24.61 -8.28
C MET A 95 3.92 -23.40 -9.12
N ASP A 96 2.63 -23.25 -9.51
CA ASP A 96 2.23 -22.06 -10.24
C ASP A 96 2.36 -20.82 -9.37
N LEU A 97 1.88 -20.91 -8.12
CA LEU A 97 2.02 -19.79 -7.18
C LEU A 97 3.49 -19.50 -6.90
N GLN A 98 4.31 -20.55 -6.76
CA GLN A 98 5.74 -20.34 -6.53
C GLN A 98 6.44 -19.72 -7.75
N HIS A 99 6.05 -20.13 -8.97
CA HIS A 99 6.64 -19.57 -10.19
C HIS A 99 6.50 -18.05 -10.20
N GLY A 100 5.42 -17.52 -9.62
CA GLY A 100 5.20 -16.09 -9.57
C GLY A 100 5.67 -15.44 -8.28
N SER A 101 6.64 -16.06 -7.59
CA SER A 101 7.05 -15.60 -6.25
C SER A 101 7.64 -14.20 -6.27
N ALA A 102 8.32 -13.81 -7.35
CA ALA A 102 8.92 -12.48 -7.40
C ALA A 102 7.88 -11.36 -7.45
N PHE A 103 6.63 -11.69 -7.71
CA PHE A 103 5.57 -10.70 -7.89
C PHE A 103 4.66 -10.59 -6.69
N MET A 104 5.01 -11.21 -5.56
CA MET A 104 4.27 -11.07 -4.31
C MET A 104 5.27 -11.06 -3.15
N ARG A 105 4.79 -10.67 -1.97
CA ARG A 105 5.65 -10.73 -0.78
C ARG A 105 6.07 -12.17 -0.51
N ASN A 106 7.23 -12.32 0.14
CA ASN A 106 7.72 -13.66 0.49
C ASN A 106 6.67 -14.43 1.27
N VAL A 107 6.48 -15.68 0.90
CA VAL A 107 5.44 -16.50 1.52
C VAL A 107 5.90 -17.96 1.50
N LYS A 108 5.63 -18.66 2.59
CA LYS A 108 5.80 -20.10 2.65
C LYS A 108 4.49 -20.76 2.23
N ILE A 109 4.51 -21.53 1.15
CA ILE A 109 3.32 -22.24 0.68
C ILE A 109 3.61 -23.73 0.76
N GLN A 110 2.68 -24.47 1.34
CA GLN A 110 2.72 -25.93 1.31
C GLN A 110 1.45 -26.45 0.66
N ALA A 111 1.54 -27.63 0.05
CA ALA A 111 0.34 -28.25 -0.51
C ALA A 111 0.49 -29.76 -0.43
N SER A 112 -0.54 -30.44 0.04
CA SER A 112 -0.39 -31.89 0.22
C SER A 112 -1.75 -32.52 0.44
N THR A 113 -1.83 -33.81 0.14
CA THR A 113 -3.00 -34.59 0.57
C THR A 113 -2.94 -34.98 2.04
N ASP A 114 -1.76 -34.86 2.65
CA ASP A 114 -1.54 -35.19 4.06
C ASP A 114 -1.88 -33.99 4.91
N TYR A 115 -2.91 -34.11 5.76
CA TYR A 115 -3.30 -32.99 6.62
C TYR A 115 -2.22 -32.56 7.60
N SER A 116 -1.15 -33.36 7.78
CA SER A 116 -0.05 -32.96 8.65
CA SER A 116 -0.10 -32.92 8.69
C SER A 116 0.48 -31.57 8.29
N ILE A 117 0.41 -31.19 7.02
CA ILE A 117 0.97 -29.90 6.64
C ILE A 117 0.15 -28.73 7.17
N SER A 118 -1.06 -28.99 7.66
CA SER A 118 -1.90 -27.94 8.24
C SER A 118 -1.61 -27.72 9.70
N ALA A 119 -0.70 -28.50 10.32
CA ALA A 119 -0.45 -28.39 11.75
C ALA A 119 -0.15 -26.96 12.17
N GLY A 120 -0.72 -26.54 13.30
CA GLY A 120 -0.44 -25.22 13.83
C GLY A 120 -1.12 -24.08 13.10
N SER A 121 -2.22 -24.33 12.40
CA SER A 121 -2.92 -23.27 11.68
C SER A 121 -3.73 -22.40 12.64
N LYS A 122 -3.63 -21.10 12.45
CA LYS A 122 -4.46 -20.17 13.22
C LYS A 122 -5.90 -20.20 12.73
N ILE A 123 -6.07 -20.36 11.41
CA ILE A 123 -7.37 -20.40 10.74
C ILE A 123 -7.33 -21.51 9.71
N CYS A 124 -8.42 -22.29 9.61
CA CYS A 124 -8.63 -23.20 8.49
C CYS A 124 -9.86 -22.74 7.75
N VAL A 125 -9.69 -22.45 6.46
CA VAL A 125 -10.77 -22.04 5.56
C VAL A 125 -11.21 -23.29 4.83
N VAL A 126 -12.47 -23.69 5.00
CA VAL A 126 -12.96 -24.95 4.45
C VAL A 126 -13.85 -24.62 3.27
N THR A 127 -13.40 -24.95 2.06
CA THR A 127 -14.14 -24.64 0.87
C THR A 127 -14.43 -25.90 0.09
N ALA A 128 -14.06 -27.05 0.64
CA ALA A 128 -14.25 -28.30 -0.06
C ALA A 128 -15.73 -28.62 -0.08
N GLY A 129 -16.15 -29.31 -1.11
CA GLY A 129 -17.51 -29.80 -1.16
C GLY A 129 -17.99 -29.99 -2.58
N VAL A 130 -19.27 -30.26 -2.68
CA VAL A 130 -19.86 -30.62 -3.92
C VAL A 130 -20.66 -29.42 -4.41
N ARG A 131 -21.05 -29.48 -5.67
CA ARG A 131 -21.96 -28.51 -6.25
C ARG A 131 -23.31 -29.19 -6.44
N GLN A 132 -24.36 -28.47 -6.08
CA GLN A 132 -25.72 -28.99 -6.20
C GLN A 132 -25.97 -29.54 -7.59
N ARG A 133 -26.53 -30.74 -7.65
CA ARG A 133 -26.88 -31.41 -8.88
C ARG A 133 -28.28 -31.00 -9.31
N GLU A 134 -28.60 -31.27 -10.57
CA GLU A 134 -29.87 -30.79 -11.12
C GLU A 134 -31.05 -31.46 -10.41
N GLY A 135 -31.86 -30.65 -9.75
CA GLY A 135 -33.01 -31.17 -9.03
C GLY A 135 -32.70 -31.72 -7.66
N GLU A 136 -31.43 -31.65 -7.23
CA GLU A 136 -31.05 -32.19 -5.94
C GLU A 136 -31.76 -31.43 -4.82
N SER A 137 -32.35 -32.18 -3.87
CA SER A 137 -33.02 -31.55 -2.75
C SER A 137 -32.00 -30.92 -1.79
N ARG A 138 -32.46 -29.94 -1.01
CA ARG A 138 -31.59 -29.34 0.01
C ARG A 138 -31.07 -30.40 0.96
N LEU A 139 -31.93 -31.32 1.38
CA LEU A 139 -31.47 -32.35 2.31
C LEU A 139 -30.36 -33.20 1.69
N ASP A 140 -30.53 -33.60 0.42
CA ASP A 140 -29.51 -34.41 -0.22
C ASP A 140 -28.20 -33.65 -0.33
N LEU A 141 -28.28 -32.37 -0.68
CA LEU A 141 -27.08 -31.55 -0.83
C LEU A 141 -26.38 -31.35 0.52
N VAL A 142 -27.15 -31.08 1.56
CA VAL A 142 -26.58 -30.94 2.89
C VAL A 142 -25.89 -32.24 3.30
N GLN A 143 -26.50 -33.39 3.00
CA GLN A 143 -25.89 -34.63 3.46
C GLN A 143 -24.63 -34.94 2.67
N ARG A 144 -24.62 -34.68 1.36
CA ARG A 144 -23.39 -34.93 0.60
C ARG A 144 -22.24 -34.06 1.13
N ASN A 145 -22.54 -32.80 1.47
CA ASN A 145 -21.49 -31.95 2.03
C ASN A 145 -21.09 -32.42 3.42
N THR A 146 -22.06 -32.85 4.24
CA THR A 146 -21.75 -33.38 5.57
C THR A 146 -20.81 -34.58 5.49
N ASP A 147 -21.02 -35.46 4.51
CA ASP A 147 -20.14 -36.62 4.36
C ASP A 147 -18.71 -36.19 4.10
N VAL A 148 -18.53 -35.14 3.32
CA VAL A 148 -17.17 -34.63 3.05
C VAL A 148 -16.58 -34.04 4.33
N LEU A 149 -17.38 -33.23 5.04
CA LEU A 149 -16.93 -32.60 6.28
C LEU A 149 -16.59 -33.63 7.36
N LYS A 150 -17.29 -34.77 7.39
CA LYS A 150 -16.95 -35.80 8.38
C LYS A 150 -15.50 -36.26 8.22
N ILE A 151 -14.96 -36.20 7.00
CA ILE A 151 -13.57 -36.58 6.78
C ILE A 151 -12.63 -35.42 7.10
N ILE A 152 -13.01 -34.22 6.66
CA ILE A 152 -12.13 -33.05 6.75
C ILE A 152 -11.98 -32.58 8.19
N ILE A 153 -13.12 -32.34 8.87
CA ILE A 153 -13.09 -31.59 10.13
C ILE A 153 -12.23 -32.27 11.19
N PRO A 154 -12.36 -33.57 11.45
CA PRO A 154 -11.53 -34.14 12.53
C PRO A 154 -10.05 -34.10 12.24
N GLN A 155 -9.67 -34.14 10.96
CA GLN A 155 -8.26 -34.04 10.61
C GLN A 155 -7.74 -32.64 10.87
N LEU A 156 -8.54 -31.61 10.58
CA LEU A 156 -8.07 -30.26 10.86
C LEU A 156 -7.89 -30.05 12.36
N VAL A 157 -8.85 -30.54 13.16
CA VAL A 157 -8.81 -30.32 14.60
C VAL A 157 -7.71 -31.14 15.25
N LYS A 158 -7.41 -32.31 14.69
CA LYS A 158 -6.30 -33.11 15.18
C LYS A 158 -4.98 -32.36 15.07
N HIS A 159 -4.73 -31.72 13.93
CA HIS A 159 -3.43 -31.08 13.72
C HIS A 159 -3.39 -29.64 14.20
N SER A 160 -4.53 -28.99 14.41
CA SER A 160 -4.59 -27.61 14.88
C SER A 160 -5.68 -27.48 15.92
N PRO A 161 -5.47 -28.07 17.10
CA PRO A 161 -6.51 -28.04 18.14
C PRO A 161 -6.99 -26.65 18.51
N ASP A 162 -6.17 -25.62 18.29
CA ASP A 162 -6.50 -24.25 18.69
C ASP A 162 -6.96 -23.39 17.52
N THR A 163 -7.34 -24.02 16.41
CA THR A 163 -7.63 -23.25 15.23
C THR A 163 -9.02 -22.61 15.28
N ILE A 164 -9.24 -21.68 14.37
CA ILE A 164 -10.54 -21.10 14.07
C ILE A 164 -10.95 -21.64 12.72
N LEU A 165 -12.18 -22.11 12.59
CA LEU A 165 -12.70 -22.57 11.30
C LEU A 165 -13.53 -21.48 10.65
N ILE A 166 -13.32 -21.28 9.35
CA ILE A 166 -14.18 -20.44 8.51
C ILE A 166 -14.74 -21.33 7.41
N ILE A 167 -16.05 -21.55 7.46
CA ILE A 167 -16.71 -22.47 6.53
C ILE A 167 -17.23 -21.66 5.34
N ALA A 168 -16.96 -22.15 4.13
CA ALA A 168 -17.34 -21.40 2.94
C ALA A 168 -17.97 -22.30 1.87
N SER A 169 -18.57 -23.40 2.26
CA SER A 169 -19.31 -24.27 1.36
CA SER A 169 -19.32 -24.26 1.35
C SER A 169 -20.81 -24.02 1.53
N ASN A 170 -21.57 -24.24 0.45
CA ASN A 170 -23.01 -23.99 0.45
C ASN A 170 -23.77 -25.28 0.70
N PRO A 171 -24.89 -25.22 1.48
CA PRO A 171 -25.44 -24.03 2.12
C PRO A 171 -24.71 -23.67 3.40
N VAL A 172 -24.24 -22.43 3.48
CA VAL A 172 -23.14 -22.15 4.40
C VAL A 172 -23.60 -22.15 5.85
N ASP A 173 -24.84 -21.73 6.11
CA ASP A 173 -25.28 -21.64 7.50
C ASP A 173 -25.41 -23.02 8.13
N ILE A 174 -26.06 -23.94 7.44
CA ILE A 174 -26.20 -25.29 7.98
CA ILE A 174 -26.21 -25.32 7.92
C ILE A 174 -24.85 -25.99 8.03
N LEU A 175 -23.98 -25.77 7.04
CA LEU A 175 -22.67 -26.45 7.04
C LEU A 175 -21.71 -25.83 8.05
N THR A 176 -21.95 -24.57 8.48
CA THR A 176 -21.19 -24.07 9.60
C THR A 176 -21.61 -24.77 10.90
N TYR A 177 -22.92 -25.00 11.09
CA TYR A 177 -23.39 -25.79 12.21
C TYR A 177 -22.80 -27.20 12.17
N VAL A 178 -22.86 -27.85 11.03
CA VAL A 178 -22.33 -29.21 10.91
C VAL A 178 -20.86 -29.22 11.28
N SER A 179 -20.08 -28.26 10.75
CA SER A 179 -18.65 -28.22 11.03
C SER A 179 -18.38 -27.97 12.51
N TRP A 180 -19.12 -27.02 13.11
CA TRP A 180 -19.02 -26.81 14.55
C TRP A 180 -19.31 -28.10 15.34
N LYS A 181 -20.44 -28.75 15.04
CA LYS A 181 -20.80 -29.96 15.78
C LYS A 181 -19.74 -31.05 15.61
N LEU A 182 -19.24 -31.24 14.40
CA LEU A 182 -18.20 -32.25 14.18
C LEU A 182 -16.89 -31.90 14.85
N SER A 183 -16.59 -30.59 14.97
CA SER A 183 -15.26 -30.17 15.38
C SER A 183 -15.03 -30.31 16.87
N GLY A 184 -16.10 -30.22 17.68
CA GLY A 184 -15.92 -30.13 19.12
C GLY A 184 -15.34 -28.83 19.62
N LEU A 185 -15.11 -27.86 18.75
CA LEU A 185 -14.50 -26.59 19.12
C LEU A 185 -15.51 -25.66 19.80
N PRO A 186 -15.02 -24.65 20.54
CA PRO A 186 -15.92 -23.65 21.11
C PRO A 186 -16.73 -22.92 20.06
N LYS A 187 -17.92 -22.47 20.48
CA LYS A 187 -18.86 -21.86 19.54
C LYS A 187 -18.31 -20.59 18.89
N HIS A 188 -17.47 -19.84 19.60
CA HIS A 188 -16.93 -18.61 19.05
C HIS A 188 -15.76 -18.81 18.10
N ARG A 189 -15.34 -20.06 17.89
CA ARG A 189 -14.20 -20.35 17.01
C ARG A 189 -14.60 -21.02 15.70
N VAL A 190 -15.90 -21.07 15.39
CA VAL A 190 -16.37 -21.59 14.12
C VAL A 190 -17.34 -20.58 13.54
N ILE A 191 -17.02 -20.04 12.36
CA ILE A 191 -17.90 -19.11 11.66
C ILE A 191 -18.02 -19.57 10.22
N GLY A 192 -19.04 -19.05 9.54
CA GLY A 192 -19.21 -19.26 8.13
C GLY A 192 -19.17 -17.95 7.37
N SER A 193 -18.91 -18.02 6.06
CA SER A 193 -18.84 -16.80 5.25
C SER A 193 -20.18 -16.07 5.23
N GLY A 194 -21.29 -16.80 5.35
CA GLY A 194 -22.57 -16.16 5.65
C GLY A 194 -22.92 -15.04 4.69
N THR A 195 -23.34 -13.90 5.24
CA THR A 195 -23.76 -12.77 4.44
C THR A 195 -22.71 -11.68 4.39
N ASN A 196 -21.42 -12.02 4.56
CA ASN A 196 -20.43 -10.95 4.62
C ASN A 196 -20.32 -10.25 3.27
N LEU A 197 -20.24 -11.03 2.19
CA LEU A 197 -20.23 -10.46 0.85
C LEU A 197 -21.56 -9.81 0.51
N ASP A 198 -22.68 -10.45 0.87
CA ASP A 198 -23.98 -9.82 0.63
C ASP A 198 -24.02 -8.43 1.25
N SER A 199 -23.50 -8.30 2.47
CA SER A 199 -23.55 -7.00 3.16
C SER A 199 -22.66 -5.98 2.46
N ALA A 200 -21.47 -6.40 2.03
CA ALA A 200 -20.64 -5.48 1.26
C ALA A 200 -21.35 -5.01 -0.01
N ARG A 201 -22.02 -5.93 -0.71
CA ARG A 201 -22.72 -5.54 -1.94
CA ARG A 201 -22.74 -5.57 -1.93
C ARG A 201 -23.91 -4.64 -1.63
N PHE A 202 -24.61 -4.91 -0.53
CA PHE A 202 -25.68 -4.04 -0.06
C PHE A 202 -25.18 -2.61 0.09
N ARG A 203 -24.06 -2.43 0.80
CA ARG A 203 -23.55 -1.08 1.02
C ARG A 203 -23.05 -0.46 -0.27
N TYR A 204 -22.48 -1.28 -1.16
CA TYR A 204 -22.07 -0.80 -2.47
C TYR A 204 -23.25 -0.28 -3.28
N LEU A 205 -24.37 -1.02 -3.27
CA LEU A 205 -25.53 -0.56 -4.03
C LEU A 205 -26.15 0.69 -3.41
N LEU A 206 -26.12 0.82 -2.08
CA LEU A 206 -26.54 2.08 -1.47
C LEU A 206 -25.63 3.22 -1.94
N SER A 207 -24.33 2.97 -1.92
CA SER A 207 -23.34 3.96 -2.35
C SER A 207 -23.57 4.37 -3.80
N GLU A 208 -23.88 3.42 -4.68
CA GLU A 208 -24.12 3.74 -6.08
C GLU A 208 -25.38 4.56 -6.27
N LYS A 209 -26.43 4.26 -5.51
CA LYS A 209 -27.66 5.01 -5.64
C LYS A 209 -27.50 6.43 -5.11
N LEU A 210 -26.69 6.62 -4.05
CA LEU A 210 -26.60 7.92 -3.40
C LEU A 210 -25.43 8.77 -3.89
N GLY A 211 -24.47 8.20 -4.62
CA GLY A 211 -23.32 8.99 -5.00
C GLY A 211 -22.39 9.29 -3.84
N ILE A 212 -22.33 8.39 -2.86
CA ILE A 212 -21.57 8.59 -1.63
C ILE A 212 -20.73 7.36 -1.40
N ALA A 213 -19.45 7.55 -1.03
CA ALA A 213 -18.53 6.42 -0.85
C ALA A 213 -19.12 5.35 0.06
N THR A 214 -18.77 4.09 -0.25
CA THR A 214 -19.26 2.99 0.56
CA THR A 214 -19.26 2.99 0.56
C THR A 214 -18.81 3.12 2.02
N THR A 215 -17.69 3.81 2.28
CA THR A 215 -17.24 3.97 3.66
C THR A 215 -18.17 4.83 4.51
N SER A 216 -19.15 5.52 3.90
CA SER A 216 -20.16 6.23 4.65
C SER A 216 -21.55 5.63 4.48
N CYS A 217 -21.67 4.48 3.83
CA CYS A 217 -22.97 3.85 3.63
C CYS A 217 -22.98 2.58 4.47
N HIS A 218 -23.78 2.55 5.54
CA HIS A 218 -23.66 1.53 6.56
C HIS A 218 -24.91 0.68 6.62
N GLY A 219 -24.71 -0.62 6.77
CA GLY A 219 -25.84 -1.52 6.80
C GLY A 219 -25.42 -2.96 6.66
N TYR A 220 -26.28 -3.87 7.11
CA TYR A 220 -25.96 -5.29 7.12
C TYR A 220 -27.15 -6.08 6.63
N ILE A 221 -26.82 -7.19 5.97
CA ILE A 221 -27.76 -8.25 5.70
C ILE A 221 -27.43 -9.36 6.69
N ILE A 222 -28.45 -9.89 7.37
CA ILE A 222 -28.25 -10.89 8.40
C ILE A 222 -29.12 -12.10 8.05
N GLY A 223 -29.04 -13.13 8.90
CA GLY A 223 -29.90 -14.29 8.74
C GLY A 223 -29.33 -15.33 7.80
N GLU A 224 -30.21 -16.00 7.04
CA GLU A 224 -29.81 -17.10 6.16
C GLU A 224 -29.32 -16.58 4.83
N HIS A 225 -28.06 -16.88 4.49
CA HIS A 225 -27.51 -16.53 3.19
C HIS A 225 -28.41 -17.04 2.06
N GLY A 226 -28.87 -16.14 1.20
CA GLY A 226 -29.68 -16.52 0.06
C GLY A 226 -30.94 -15.68 -0.02
N ASP A 227 -31.97 -16.26 -0.66
CA ASP A 227 -33.18 -15.52 -0.98
C ASP A 227 -33.93 -15.02 0.24
N SER A 228 -33.74 -15.65 1.39
CA SER A 228 -34.47 -15.28 2.59
C SER A 228 -33.63 -14.47 3.56
N SER A 229 -32.48 -13.98 3.13
CA SER A 229 -31.70 -13.15 4.02
C SER A 229 -32.44 -11.85 4.36
N VAL A 230 -31.99 -11.21 5.43
CA VAL A 230 -32.75 -10.11 6.01
C VAL A 230 -31.94 -8.82 5.95
N PRO A 231 -32.32 -7.86 5.10
CA PRO A 231 -31.69 -6.54 5.16
C PRO A 231 -32.19 -5.80 6.38
N VAL A 232 -31.24 -5.34 7.22
CA VAL A 232 -31.62 -4.68 8.46
C VAL A 232 -31.79 -3.21 8.14
N TRP A 233 -32.86 -2.90 7.40
CA TRP A 233 -33.17 -1.53 7.03
C TRP A 233 -33.21 -0.60 8.23
N SER A 234 -33.67 -1.10 9.37
CA SER A 234 -33.76 -0.27 10.57
C SER A 234 -32.41 0.26 11.01
N GLY A 235 -31.33 -0.41 10.65
CA GLY A 235 -30.00 0.04 11.00
C GLY A 235 -29.25 0.74 9.90
N VAL A 236 -29.83 0.82 8.69
CA VAL A 236 -29.11 1.45 7.59
C VAL A 236 -28.96 2.94 7.89
N ASN A 237 -27.78 3.47 7.67
CA ASN A 237 -27.61 4.90 7.83
C ASN A 237 -26.50 5.36 6.91
N ILE A 238 -26.61 6.62 6.48
CA ILE A 238 -25.66 7.27 5.60
C ILE A 238 -24.99 8.34 6.43
N ALA A 239 -23.71 8.15 6.77
CA ALA A 239 -22.96 9.11 7.58
C ALA A 239 -23.70 9.44 8.87
N GLY A 240 -24.30 8.44 9.48
CA GLY A 240 -25.05 8.62 10.71
C GLY A 240 -26.49 9.03 10.54
N VAL A 241 -26.98 9.17 9.31
CA VAL A 241 -28.36 9.57 9.08
C VAL A 241 -29.17 8.35 8.66
N ARG A 242 -30.20 8.00 9.45
CA ARG A 242 -31.11 6.94 9.06
C ARG A 242 -31.84 7.30 7.76
N LEU A 243 -32.26 6.26 7.02
CA LEU A 243 -32.97 6.50 5.76
C LEU A 243 -34.23 7.31 5.96
N SER A 244 -34.92 7.13 7.08
CA SER A 244 -36.15 7.89 7.32
C SER A 244 -35.88 9.37 7.47
N ASP A 245 -34.63 9.76 7.77
CA ASP A 245 -34.25 11.15 7.97
C ASP A 245 -33.39 11.70 6.84
N LEU A 246 -33.12 10.89 5.83
CA LEU A 246 -32.18 11.30 4.80
C LEU A 246 -32.74 12.44 3.96
N ASN A 247 -31.90 13.47 3.71
CA ASN A 247 -32.29 14.65 2.94
C ASN A 247 -31.09 15.04 2.08
N GLN A 248 -30.82 14.26 1.03
CA GLN A 248 -29.68 14.52 0.16
C GLN A 248 -30.13 14.83 -1.26
N LYS A 249 -29.18 15.33 -2.07
CA LYS A 249 -29.49 15.73 -3.44
C LYS A 249 -29.78 14.52 -4.33
N ILE A 250 -28.81 13.62 -4.46
CA ILE A 250 -28.98 12.44 -5.31
C ILE A 250 -29.80 11.40 -4.57
N ASN A 258 -38.64 1.73 -3.82
CA ASN A 258 -37.31 2.20 -4.18
C ASN A 258 -36.24 1.41 -3.46
N TRP A 259 -36.16 1.64 -2.14
CA TRP A 259 -35.05 1.12 -1.34
C TRP A 259 -35.05 -0.40 -1.32
N LYS A 260 -36.22 -1.02 -1.14
CA LYS A 260 -36.27 -2.47 -0.96
C LYS A 260 -35.71 -3.23 -2.15
N GLU A 261 -35.74 -2.63 -3.35
CA GLU A 261 -35.21 -3.32 -4.53
C GLU A 261 -33.74 -3.67 -4.34
N THR A 262 -33.00 -2.84 -3.61
CA THR A 262 -31.56 -3.03 -3.42
C THR A 262 -31.25 -4.42 -2.86
N HIS A 263 -31.97 -4.84 -1.81
CA HIS A 263 -31.72 -6.17 -1.26
C HIS A 263 -32.05 -7.26 -2.27
N THR A 264 -33.18 -7.13 -2.96
CA THR A 264 -33.54 -8.10 -3.99
C THR A 264 -32.48 -8.16 -5.07
N MET A 265 -31.88 -7.02 -5.41
CA MET A 265 -30.80 -7.01 -6.39
C MET A 265 -29.58 -7.78 -5.89
N VAL A 266 -29.27 -7.65 -4.59
CA VAL A 266 -28.11 -8.36 -4.03
C VAL A 266 -28.30 -9.87 -4.14
N VAL A 267 -29.50 -10.36 -3.80
CA VAL A 267 -29.71 -11.81 -3.80
C VAL A 267 -29.88 -12.33 -5.23
N LYS A 268 -30.57 -11.59 -6.09
CA LYS A 268 -30.80 -12.10 -7.45
C LYS A 268 -29.51 -12.13 -8.26
N SER A 269 -28.68 -11.09 -8.14
CA SER A 269 -27.42 -11.09 -8.88
C SER A 269 -26.47 -12.17 -8.36
N ALA A 270 -26.52 -12.45 -7.06
CA ALA A 270 -25.69 -13.51 -6.51
C ALA A 270 -26.01 -14.85 -7.17
N TYR A 271 -27.30 -15.19 -7.28
CA TYR A 271 -27.66 -16.46 -7.91
C TYR A 271 -27.37 -16.44 -9.40
N GLU A 272 -27.50 -15.28 -10.04
CA GLU A 272 -27.23 -15.17 -11.47
C GLU A 272 -25.77 -15.49 -11.80
N VAL A 273 -24.84 -15.15 -10.91
CA VAL A 273 -23.44 -15.55 -11.10
C VAL A 273 -23.34 -17.06 -11.19
N ILE A 274 -23.90 -17.76 -10.21
CA ILE A 274 -23.83 -19.22 -10.18
C ILE A 274 -24.52 -19.80 -11.41
N LYS A 275 -25.57 -19.16 -11.90
CA LYS A 275 -26.28 -19.68 -13.06
C LYS A 275 -25.47 -19.54 -14.35
N LEU A 276 -24.57 -18.56 -14.43
CA LEU A 276 -23.90 -18.22 -15.68
C LEU A 276 -22.54 -18.90 -15.86
N LYS A 277 -21.65 -18.81 -14.87
CA LYS A 277 -20.37 -19.51 -14.97
C LYS A 277 -20.36 -20.82 -14.20
N GLY A 278 -21.39 -21.10 -13.40
CA GLY A 278 -21.49 -22.33 -12.64
C GLY A 278 -21.13 -22.22 -11.18
N TYR A 279 -20.53 -21.10 -10.77
CA TYR A 279 -19.99 -20.96 -9.43
C TYR A 279 -19.63 -19.49 -9.23
N THR A 280 -19.36 -19.13 -7.98
CA THR A 280 -18.69 -17.88 -7.67
C THR A 280 -17.27 -18.19 -7.19
N SER A 281 -16.30 -17.36 -7.58
CA SER A 281 -14.95 -17.60 -7.11
C SER A 281 -14.28 -16.31 -6.64
N TRP A 282 -14.24 -15.29 -7.49
CA TRP A 282 -13.45 -14.11 -7.16
C TRP A 282 -14.02 -13.36 -5.98
N ALA A 283 -15.33 -13.13 -5.98
CA ALA A 283 -15.97 -12.35 -4.91
C ALA A 283 -15.83 -13.05 -3.57
N ILE A 284 -16.14 -14.35 -3.52
CA ILE A 284 -16.08 -15.08 -2.27
C ILE A 284 -14.63 -15.19 -1.79
N GLY A 285 -13.68 -15.36 -2.72
CA GLY A 285 -12.27 -15.38 -2.35
C GLY A 285 -11.85 -14.13 -1.62
N LEU A 286 -12.25 -12.96 -2.15
CA LEU A 286 -11.96 -11.68 -1.49
C LEU A 286 -12.65 -11.58 -0.15
N SER A 287 -13.90 -12.05 -0.07
CA SER A 287 -14.60 -12.04 1.22
C SER A 287 -13.83 -12.85 2.27
N LEU A 288 -13.40 -14.06 1.91
CA LEU A 288 -12.71 -14.90 2.89
C LEU A 288 -11.37 -14.29 3.29
N SER A 289 -10.68 -13.68 2.33
CA SER A 289 -9.42 -13.01 2.63
C SER A 289 -9.65 -11.88 3.64
N GLN A 290 -10.75 -11.14 3.47
CA GLN A 290 -11.06 -10.07 4.41
C GLN A 290 -11.36 -10.61 5.81
N LEU A 291 -12.10 -11.73 5.89
CA LEU A 291 -12.37 -12.32 7.20
C LEU A 291 -11.10 -12.82 7.86
N ALA A 292 -10.23 -13.49 7.09
CA ALA A 292 -8.97 -13.98 7.66
C ALA A 292 -8.12 -12.82 8.16
N ARG A 293 -8.09 -11.72 7.40
CA ARG A 293 -7.31 -10.56 7.82
C ARG A 293 -7.80 -10.04 9.16
N ALA A 294 -9.12 -9.91 9.30
CA ALA A 294 -9.69 -9.35 10.53
C ALA A 294 -9.27 -10.19 11.74
N ILE A 295 -9.27 -11.51 11.58
CA ILE A 295 -8.92 -12.40 12.67
C ILE A 295 -7.43 -12.36 12.94
N LEU A 296 -6.62 -12.54 11.90
CA LEU A 296 -5.16 -12.62 12.10
C LEU A 296 -4.63 -11.33 12.68
N SER A 297 -5.17 -10.20 12.25
CA SER A 297 -4.62 -8.92 12.64
C SER A 297 -5.25 -8.38 13.93
N ASN A 298 -6.16 -9.14 14.53
CA ASN A 298 -6.84 -8.74 15.77
C ASN A 298 -7.54 -7.41 15.59
N ALA A 299 -8.25 -7.26 14.48
CA ALA A 299 -8.78 -5.95 14.11
C ALA A 299 -9.96 -5.54 14.98
N ASN A 300 -10.73 -6.49 15.51
CA ASN A 300 -12.01 -6.21 16.15
C ASN A 300 -12.94 -5.46 15.21
N SER A 301 -12.82 -5.76 13.91
CA SER A 301 -13.72 -5.19 12.92
C SER A 301 -15.00 -6.03 12.87
N VAL A 302 -16.06 -5.42 12.36
CA VAL A 302 -17.38 -6.05 12.35
C VAL A 302 -17.66 -6.64 10.99
N HIS A 303 -18.09 -7.91 10.96
CA HIS A 303 -18.42 -8.61 9.72
C HIS A 303 -19.66 -9.47 9.95
N ALA A 304 -20.61 -9.46 9.01
CA ALA A 304 -21.75 -10.37 9.09
C ALA A 304 -21.31 -11.77 8.66
N VAL A 305 -21.23 -12.69 9.61
CA VAL A 305 -20.77 -14.05 9.36
C VAL A 305 -21.71 -15.03 10.05
N SER A 306 -21.82 -16.24 9.50
CA SER A 306 -22.63 -17.29 10.12
C SER A 306 -22.06 -17.60 11.49
N THR A 307 -22.88 -17.47 12.53
CA THR A 307 -22.36 -17.60 13.89
C THR A 307 -23.41 -18.29 14.76
N TYR A 308 -22.95 -18.79 15.90
CA TYR A 308 -23.82 -19.53 16.81
C TYR A 308 -24.91 -18.60 17.35
N LEU A 309 -26.17 -18.94 17.09
CA LEU A 309 -27.25 -17.97 17.23
C LEU A 309 -28.03 -18.10 18.52
N LYS A 310 -28.07 -19.30 19.12
CA LYS A 310 -28.89 -19.52 20.30
C LYS A 310 -28.50 -18.53 21.39
N GLY A 311 -29.52 -17.88 21.98
CA GLY A 311 -29.30 -16.86 22.98
C GLY A 311 -29.30 -15.44 22.45
N GLU A 312 -29.27 -15.25 21.13
CA GLU A 312 -29.41 -13.92 20.55
C GLU A 312 -30.82 -13.74 20.01
N HIS A 313 -31.33 -12.52 20.11
CA HIS A 313 -32.65 -12.15 19.58
C HIS A 313 -33.76 -13.11 20.03
N ASP A 314 -33.63 -13.65 21.25
CA ASP A 314 -34.58 -14.62 21.81
C ASP A 314 -34.68 -15.91 21.01
N ILE A 315 -33.67 -16.23 20.20
CA ILE A 315 -33.65 -17.50 19.45
C ILE A 315 -33.27 -18.63 20.40
N ASN A 316 -34.08 -19.68 20.41
CA ASN A 316 -33.82 -20.85 21.25
C ASN A 316 -33.33 -22.05 20.47
N ASP A 317 -33.29 -21.98 19.14
CA ASP A 317 -32.80 -23.07 18.31
C ASP A 317 -31.28 -23.04 18.23
N GLU A 318 -30.65 -24.20 18.34
CA GLU A 318 -29.19 -24.26 18.21
C GLU A 318 -28.87 -24.33 16.73
N VAL A 319 -28.76 -23.16 16.11
CA VAL A 319 -28.48 -23.01 14.68
C VAL A 319 -27.40 -21.96 14.50
N PHE A 320 -26.89 -21.85 13.27
CA PHE A 320 -26.01 -20.75 12.87
C PHE A 320 -26.70 -19.94 11.79
N LEU A 321 -26.68 -18.62 11.95
CA LEU A 321 -27.13 -17.67 10.92
C LEU A 321 -26.21 -16.47 11.02
N SER A 322 -26.25 -15.59 10.01
CA SER A 322 -25.36 -14.44 10.04
C SER A 322 -25.86 -13.36 10.97
N LEU A 323 -24.95 -12.84 11.80
CA LEU A 323 -25.12 -11.60 12.51
C LEU A 323 -23.82 -10.81 12.37
N PRO A 324 -23.85 -9.49 12.55
CA PRO A 324 -22.58 -8.74 12.59
C PRO A 324 -21.78 -9.14 13.82
N CYS A 325 -20.58 -9.68 13.60
CA CYS A 325 -19.71 -10.16 14.66
C CYS A 325 -18.46 -9.29 14.72
N VAL A 326 -18.01 -9.02 15.94
CA VAL A 326 -16.70 -8.42 16.18
C VAL A 326 -15.68 -9.55 16.09
N LEU A 327 -14.78 -9.47 15.11
CA LEU A 327 -13.85 -10.56 14.86
C LEU A 327 -12.42 -10.14 15.25
N GLY A 328 -11.72 -11.04 15.93
CA GLY A 328 -10.33 -10.83 16.30
C GLY A 328 -9.60 -12.14 16.48
N ARG A 329 -8.46 -12.11 17.19
CA ARG A 329 -7.61 -13.30 17.28
C ARG A 329 -8.28 -14.45 17.99
N SER A 330 -9.26 -14.17 18.85
CA SER A 330 -9.98 -15.24 19.53
CA SER A 330 -9.96 -15.25 19.52
C SER A 330 -11.11 -15.82 18.70
N GLY A 331 -11.44 -15.21 17.56
CA GLY A 331 -12.59 -15.63 16.78
C GLY A 331 -13.71 -14.62 16.93
N VAL A 332 -14.92 -15.06 17.26
CA VAL A 332 -16.01 -14.10 17.53
C VAL A 332 -15.83 -13.52 18.92
N CYS A 333 -15.42 -12.25 18.99
CA CYS A 333 -15.26 -11.58 20.28
CA CYS A 333 -15.26 -11.59 20.28
C CYS A 333 -16.59 -11.18 20.89
N ASP A 334 -17.58 -10.86 20.05
CA ASP A 334 -18.88 -10.38 20.52
C ASP A 334 -19.77 -10.34 19.29
N VAL A 335 -21.08 -10.30 19.50
CA VAL A 335 -22.08 -10.13 18.45
CA VAL A 335 -22.03 -10.11 18.42
C VAL A 335 -22.68 -8.73 18.61
N ILE A 336 -22.77 -7.99 17.51
CA ILE A 336 -23.43 -6.69 17.56
C ILE A 336 -24.93 -6.93 17.68
N ARG A 337 -25.53 -6.44 18.76
CA ARG A 337 -26.93 -6.75 19.07
C ARG A 337 -27.76 -5.59 18.56
N GLN A 338 -28.31 -5.78 17.38
CA GLN A 338 -29.07 -4.75 16.68
C GLN A 338 -30.50 -4.72 17.22
N PRO A 339 -31.05 -3.54 17.48
CA PRO A 339 -32.48 -3.46 17.79
C PRO A 339 -33.33 -3.69 16.56
N LEU A 340 -33.70 -4.95 16.29
CA LEU A 340 -34.48 -5.30 15.11
C LEU A 340 -35.94 -4.87 15.22
N THR A 341 -36.52 -4.52 14.08
CA THR A 341 -37.97 -4.35 14.04
C THR A 341 -38.65 -5.70 14.20
N GLN A 342 -39.99 -5.65 14.39
CA GLN A 342 -40.72 -6.91 14.52
C GLN A 342 -40.64 -7.74 13.25
N THR A 343 -40.69 -7.09 12.08
CA THR A 343 -40.59 -7.85 10.83
C THR A 343 -39.20 -8.42 10.65
N GLU A 344 -38.15 -7.65 10.96
CA GLU A 344 -36.80 -8.19 10.84
C GLU A 344 -36.59 -9.37 11.79
N ARG A 345 -37.04 -9.23 13.04
CA ARG A 345 -36.87 -10.26 14.04
C ARG A 345 -37.64 -11.53 13.69
N SER A 346 -38.90 -11.38 13.23
CA SER A 346 -39.70 -12.55 12.91
CA SER A 346 -39.71 -12.54 12.89
C SER A 346 -39.10 -13.33 11.73
N GLN A 347 -38.53 -12.62 10.74
CA GLN A 347 -37.86 -13.30 9.64
C GLN A 347 -36.67 -14.12 10.14
N LEU A 348 -35.83 -13.52 10.99
CA LEU A 348 -34.73 -14.26 11.60
C LEU A 348 -35.25 -15.49 12.35
N HIS A 349 -36.33 -15.33 13.11
CA HIS A 349 -36.88 -16.48 13.85
C HIS A 349 -37.37 -17.57 12.90
N GLN A 350 -38.08 -17.18 11.84
CA GLN A 350 -38.58 -18.18 10.89
C GLN A 350 -37.43 -18.93 10.22
N SER A 351 -36.36 -18.21 9.86
CA SER A 351 -35.19 -18.89 9.30
C SER A 351 -34.57 -19.85 10.30
N ALA A 352 -34.49 -19.43 11.57
CA ALA A 352 -33.90 -20.29 12.58
C ALA A 352 -34.74 -21.55 12.78
N ASP A 353 -36.06 -21.40 12.78
CA ASP A 353 -36.93 -22.57 12.92
CA ASP A 353 -36.94 -22.57 12.91
C ASP A 353 -36.75 -23.54 11.77
N LEU A 354 -36.68 -23.03 10.54
CA LEU A 354 -36.54 -23.92 9.39
C LEU A 354 -35.16 -24.58 9.36
N MET A 355 -34.15 -23.86 9.81
CA MET A 355 -32.81 -24.44 9.88
C MET A 355 -32.76 -25.59 10.88
N ALA A 356 -33.38 -25.42 12.05
CA ALA A 356 -33.42 -26.49 13.03
C ALA A 356 -34.08 -27.74 12.47
N LYS A 357 -35.16 -27.57 11.68
CA LYS A 357 -35.84 -28.72 11.10
C LYS A 357 -34.97 -29.45 10.09
N VAL A 358 -34.20 -28.72 9.28
CA VAL A 358 -33.30 -29.39 8.33
C VAL A 358 -32.19 -30.11 9.06
N GLN A 359 -31.64 -29.47 10.09
CA GLN A 359 -30.58 -30.09 10.89
C GLN A 359 -31.03 -31.44 11.45
N ALA A 360 -32.30 -31.55 11.87
CA ALA A 360 -32.78 -32.80 12.45
C ALA A 360 -32.76 -33.97 11.46
N GLY A 361 -32.63 -33.69 10.17
CA GLY A 361 -32.57 -34.74 9.16
C GLY A 361 -31.17 -35.19 8.79
N ILE A 362 -30.14 -34.54 9.33
CA ILE A 362 -28.77 -34.81 8.94
C ILE A 362 -28.29 -36.06 9.68
N LYS A 363 -27.66 -36.97 8.94
CA LYS A 363 -27.14 -38.20 9.51
C LYS A 363 -25.69 -37.97 9.90
N PHE A 364 -25.42 -37.99 11.20
CA PHE A 364 -24.09 -37.78 11.70
C PHE A 364 -23.44 -39.15 11.94
N ASP B 50 3.67 -6.58 23.15
CA ASP B 50 4.65 -7.30 22.36
C ASP B 50 5.66 -6.33 21.74
N THR B 51 6.94 -6.59 21.97
CA THR B 51 8.01 -5.69 21.55
C THR B 51 8.81 -6.25 20.38
N GLY B 52 8.26 -7.22 19.65
CA GLY B 52 9.01 -7.90 18.60
C GLY B 52 9.54 -6.95 17.53
N ASN B 53 8.93 -5.78 17.38
CA ASN B 53 9.39 -4.80 16.42
CA ASN B 53 9.35 -4.79 16.41
C ASN B 53 9.58 -3.43 17.05
N LYS B 54 9.81 -3.38 18.37
CA LYS B 54 9.93 -2.08 19.04
C LYS B 54 11.16 -1.32 18.58
N VAL B 55 10.96 -0.05 18.21
CA VAL B 55 12.04 0.85 17.85
C VAL B 55 12.06 1.98 18.86
N THR B 56 13.24 2.33 19.35
CA THR B 56 13.41 3.59 20.08
C THR B 56 14.12 4.60 19.19
N VAL B 57 13.65 5.85 19.21
CA VAL B 57 14.34 6.95 18.54
C VAL B 57 14.81 7.88 19.62
N VAL B 58 16.13 8.16 19.65
CA VAL B 58 16.68 9.09 20.64
C VAL B 58 16.84 10.42 19.96
N GLY B 59 16.23 11.46 20.55
CA GLY B 59 16.27 12.77 19.98
C GLY B 59 15.00 13.07 19.22
N VAL B 60 14.23 14.08 19.65
CA VAL B 60 13.01 14.46 18.95
C VAL B 60 13.21 15.82 18.30
N GLY B 61 14.44 16.06 17.82
CA GLY B 61 14.64 17.14 16.89
C GLY B 61 14.10 16.77 15.51
N GLN B 62 14.54 17.53 14.50
N GLN B 62 14.47 17.59 14.52
CA GLN B 62 13.94 17.42 13.16
CA GLN B 62 13.97 17.41 13.17
C GLN B 62 14.25 16.07 12.51
C GLN B 62 14.20 15.99 12.67
N VAL B 63 15.44 15.53 12.74
CA VAL B 63 15.78 14.20 12.20
C VAL B 63 14.97 13.11 12.89
N GLY B 64 15.01 13.11 14.22
CA GLY B 64 14.33 12.06 14.96
C GLY B 64 12.84 12.03 14.70
N MET B 65 12.19 13.20 14.67
CA MET B 65 10.76 13.22 14.40
C MET B 65 10.46 12.81 12.96
N ALA B 66 11.35 13.13 12.01
CA ALA B 66 11.05 12.70 10.64
C ALA B 66 11.16 11.19 10.52
N ALA B 67 12.10 10.59 11.26
CA ALA B 67 12.24 9.15 11.30
C ALA B 67 11.02 8.50 11.94
N VAL B 68 10.60 9.02 13.09
CA VAL B 68 9.40 8.48 13.76
C VAL B 68 8.21 8.55 12.83
N PHE B 69 7.96 9.72 12.24
CA PHE B 69 6.79 9.89 11.40
C PHE B 69 6.88 9.00 10.18
N SER B 70 8.07 8.90 9.57
CA SER B 70 8.22 8.00 8.45
C SER B 70 7.87 6.57 8.84
N MET B 71 8.38 6.10 9.98
CA MET B 71 8.20 4.70 10.32
C MET B 71 6.73 4.37 10.61
N ILE B 72 6.04 5.26 11.33
CA ILE B 72 4.69 4.88 11.71
C ILE B 72 3.70 5.09 10.57
N THR B 73 3.96 6.03 9.67
CA THR B 73 3.02 6.19 8.56
C THR B 73 3.31 5.25 7.42
N GLN B 74 4.48 4.61 7.39
CA GLN B 74 4.78 3.62 6.36
C GLN B 74 4.68 2.19 6.88
N GLY B 75 4.25 2.03 8.12
CA GLY B 75 4.01 0.71 8.66
C GLY B 75 5.25 -0.08 9.05
N VAL B 76 6.35 0.61 9.36
CA VAL B 76 7.62 -0.08 9.63
C VAL B 76 7.54 -0.76 10.98
N THR B 77 6.92 -0.10 11.96
CA THR B 77 6.75 -0.69 13.27
C THR B 77 5.46 -0.15 13.87
N ASN B 78 4.91 -0.91 14.80
CA ASN B 78 3.72 -0.48 15.54
C ASN B 78 4.02 -0.24 17.01
N ASN B 79 5.30 -0.06 17.37
CA ASN B 79 5.69 0.05 18.76
C ASN B 79 6.92 0.96 18.79
N ILE B 80 6.74 2.21 19.21
CA ILE B 80 7.83 3.16 19.11
CA ILE B 80 7.75 3.25 19.07
C ILE B 80 7.95 3.92 20.42
N ALA B 81 9.20 4.17 20.82
CA ALA B 81 9.48 4.96 22.01
C ALA B 81 10.37 6.11 21.59
N MET B 82 10.06 7.31 22.09
CA MET B 82 10.84 8.51 21.82
C MET B 82 11.48 8.95 23.13
N VAL B 83 12.80 9.16 23.12
CA VAL B 83 13.51 9.59 24.32
CA VAL B 83 13.48 9.61 24.33
C VAL B 83 14.31 10.84 24.01
N ASP B 84 14.30 11.79 24.92
CA ASP B 84 15.09 13.01 24.80
C ASP B 84 15.21 13.57 26.22
N VAL B 85 15.73 14.79 26.35
CA VAL B 85 15.77 15.45 27.66
C VAL B 85 14.69 16.52 27.83
N MET B 86 13.95 16.85 26.76
CA MET B 86 12.95 17.93 26.79
CA MET B 86 12.96 17.93 26.81
C MET B 86 11.58 17.32 27.08
N ALA B 87 11.16 17.39 28.34
CA ALA B 87 9.91 16.74 28.77
C ALA B 87 8.70 17.25 27.99
N ASP B 88 8.54 18.59 27.90
CA ASP B 88 7.34 19.14 27.25
C ASP B 88 7.33 18.82 25.76
N LYS B 89 8.48 18.97 25.09
CA LYS B 89 8.56 18.67 23.67
C LYS B 89 8.20 17.22 23.41
N LEU B 90 8.73 16.31 24.22
CA LEU B 90 8.39 14.90 24.08
C LEU B 90 6.90 14.67 24.20
N LYS B 91 6.28 15.28 25.22
CA LYS B 91 4.84 15.10 25.40
CA LYS B 91 4.84 15.09 25.39
C LYS B 91 4.06 15.72 24.25
N GLY B 92 4.50 16.89 23.77
CA GLY B 92 3.81 17.52 22.67
C GLY B 92 3.88 16.72 21.39
N GLU B 93 5.06 16.17 21.09
CA GLU B 93 5.15 15.32 19.91
C GLU B 93 4.33 14.06 20.08
N LEU B 94 4.37 13.44 21.26
CA LEU B 94 3.56 12.25 21.49
C LEU B 94 2.10 12.54 21.23
N MET B 95 1.60 13.64 21.80
CA MET B 95 0.18 13.95 21.67
C MET B 95 -0.20 14.36 20.26
N ASP B 96 0.73 15.00 19.54
CA ASP B 96 0.47 15.40 18.15
C ASP B 96 0.34 14.16 17.28
N LEU B 97 1.26 13.22 17.45
CA LEU B 97 1.16 11.95 16.71
C LEU B 97 -0.09 11.16 17.10
N GLN B 98 -0.43 11.12 18.39
CA GLN B 98 -1.65 10.39 18.78
C GLN B 98 -2.91 11.07 18.27
N HIS B 99 -2.89 12.40 18.17
CA HIS B 99 -4.07 13.14 17.69
C HIS B 99 -4.40 12.70 16.28
N GLY B 100 -3.39 12.31 15.50
CA GLY B 100 -3.59 11.86 14.15
C GLY B 100 -3.70 10.35 14.04
N SER B 101 -4.05 9.66 15.14
CA SER B 101 -4.05 8.19 15.18
C SER B 101 -5.00 7.57 14.19
N ALA B 102 -6.14 8.21 13.89
CA ALA B 102 -7.08 7.61 12.94
C ALA B 102 -6.54 7.56 11.52
N PHE B 103 -5.46 8.29 11.24
CA PHE B 103 -4.90 8.43 9.90
C PHE B 103 -3.67 7.55 9.67
N MET B 104 -3.42 6.61 10.58
CA MET B 104 -2.30 5.68 10.42
C MET B 104 -2.70 4.35 11.04
N ARG B 105 -1.88 3.32 10.80
CA ARG B 105 -2.13 2.02 11.42
C ARG B 105 -2.02 2.14 12.93
N ASN B 106 -2.69 1.23 13.64
CA ASN B 106 -2.62 1.24 15.11
C ASN B 106 -1.19 1.14 15.57
N VAL B 107 -0.80 1.99 16.51
CA VAL B 107 0.60 2.05 16.95
C VAL B 107 0.63 2.41 18.42
N LYS B 108 1.55 1.81 19.15
CA LYS B 108 1.82 2.18 20.53
C LYS B 108 2.98 3.15 20.52
N ILE B 109 2.76 4.38 20.96
CA ILE B 109 3.81 5.39 21.02
C ILE B 109 4.02 5.76 22.47
N GLN B 110 5.27 5.77 22.90
CA GLN B 110 5.65 6.27 24.21
C GLN B 110 6.64 7.40 24.04
N ALA B 111 6.67 8.32 25.00
CA ALA B 111 7.68 9.38 24.98
C ALA B 111 8.01 9.77 26.42
N SER B 112 9.32 9.88 26.73
CA SER B 112 9.72 10.14 28.12
C SER B 112 11.18 10.57 28.17
N THR B 113 11.53 11.29 29.23
CA THR B 113 12.95 11.50 29.52
C THR B 113 13.56 10.29 30.21
N ASP B 114 12.72 9.36 30.66
CA ASP B 114 13.15 8.15 31.37
C ASP B 114 13.39 7.07 30.33
N TYR B 115 14.65 6.64 30.19
CA TYR B 115 14.99 5.62 29.21
C TYR B 115 14.31 4.29 29.50
N SER B 116 13.69 4.12 30.67
CA SER B 116 12.97 2.88 30.95
CA SER B 116 12.96 2.89 30.95
C SER B 116 11.95 2.57 29.86
N ILE B 117 11.39 3.59 29.20
CA ILE B 117 10.38 3.32 28.20
C ILE B 117 10.96 2.67 26.95
N SER B 118 12.29 2.72 26.76
CA SER B 118 12.92 2.08 25.63
C SER B 118 13.17 0.60 25.85
N ALA B 119 12.85 0.06 27.03
CA ALA B 119 13.18 -1.33 27.35
C ALA B 119 12.67 -2.30 26.29
N GLY B 120 13.50 -3.27 25.93
CA GLY B 120 13.10 -4.28 24.96
C GLY B 120 13.06 -3.82 23.53
N SER B 121 13.78 -2.75 23.18
CA SER B 121 13.81 -2.29 21.80
C SER B 121 14.66 -3.21 20.93
N LYS B 122 14.17 -3.50 19.73
CA LYS B 122 14.95 -4.26 18.76
CA LYS B 122 14.94 -4.26 18.75
C LYS B 122 16.00 -3.40 18.08
N ILE B 123 15.68 -2.14 17.84
CA ILE B 123 16.55 -1.16 17.21
C ILE B 123 16.44 0.13 18.02
N CYS B 124 17.57 0.79 18.25
CA CYS B 124 17.57 2.15 18.76
C CYS B 124 18.23 3.04 17.73
N VAL B 125 17.49 4.03 17.25
CA VAL B 125 17.97 4.99 16.26
C VAL B 125 18.44 6.22 17.03
N VAL B 126 19.72 6.58 16.91
CA VAL B 126 20.27 7.64 17.74
C VAL B 126 20.47 8.88 16.87
N THR B 127 19.68 9.93 17.12
CA THR B 127 19.79 11.15 16.33
C THR B 127 20.15 12.33 17.19
N ALA B 128 20.38 12.14 18.49
CA ALA B 128 20.62 13.28 19.35
C ALA B 128 22.01 13.81 19.07
N GLY B 129 22.18 15.11 19.16
CA GLY B 129 23.52 15.62 18.94
C GLY B 129 23.51 17.12 18.81
N VAL B 130 24.69 17.65 18.71
CA VAL B 130 24.83 19.07 18.54
C VAL B 130 24.93 19.36 17.06
N ARG B 131 24.71 20.61 16.69
CA ARG B 131 24.98 21.09 15.35
C ARG B 131 26.29 21.85 15.36
N GLN B 132 27.14 21.57 14.37
CA GLN B 132 28.43 22.25 14.26
C GLN B 132 28.26 23.78 14.30
N ARG B 133 29.14 24.42 15.05
CA ARG B 133 29.14 25.88 15.22
C ARG B 133 30.10 26.51 14.23
N GLU B 134 29.93 27.81 13.98
CA GLU B 134 30.76 28.47 13.00
C GLU B 134 32.22 28.36 13.40
N GLY B 135 33.04 27.79 12.52
CA GLY B 135 34.47 27.67 12.72
C GLY B 135 34.88 26.53 13.63
N GLU B 136 33.93 25.76 14.14
CA GLU B 136 34.23 24.67 15.04
C GLU B 136 35.05 23.60 14.32
N SER B 137 36.15 23.20 14.94
CA SER B 137 37.00 22.16 14.37
C SER B 137 36.30 20.80 14.40
N ARG B 138 36.79 19.90 13.54
CA ARG B 138 36.25 18.54 13.53
C ARG B 138 36.48 17.85 14.88
N LEU B 139 37.66 18.03 15.47
CA LEU B 139 37.93 17.47 16.79
C LEU B 139 36.90 17.94 17.81
N ASP B 140 36.64 19.25 17.85
CA ASP B 140 35.71 19.81 18.85
C ASP B 140 34.31 19.25 18.65
N LEU B 141 33.86 19.19 17.39
CA LEU B 141 32.52 18.69 17.11
C LEU B 141 32.40 17.22 17.48
N VAL B 142 33.43 16.44 17.18
CA VAL B 142 33.41 15.03 17.52
C VAL B 142 33.35 14.85 19.04
N GLN B 143 34.08 15.70 19.79
CA GLN B 143 34.08 15.53 21.23
C GLN B 143 32.75 15.99 21.84
N ARG B 144 32.16 17.08 21.34
CA ARG B 144 30.85 17.47 21.85
C ARG B 144 29.81 16.38 21.62
N ASN B 145 29.84 15.74 20.45
CA ASN B 145 28.88 14.67 20.22
C ASN B 145 29.20 13.46 21.09
N THR B 146 30.49 13.18 21.30
CA THR B 146 30.88 12.06 22.15
C THR B 146 30.40 12.26 23.58
N ASP B 147 30.47 13.51 24.08
CA ASP B 147 29.95 13.80 25.41
C ASP B 147 28.46 13.45 25.51
N VAL B 148 27.69 13.71 24.46
CA VAL B 148 26.27 13.37 24.48
C VAL B 148 26.09 11.86 24.43
N LEU B 149 26.85 11.19 23.57
CA LEU B 149 26.72 9.72 23.44
C LEU B 149 27.14 8.99 24.70
N LYS B 150 28.11 9.55 25.46
CA LYS B 150 28.50 8.93 26.73
C LYS B 150 27.31 8.82 27.67
N ILE B 151 26.34 9.71 27.54
CA ILE B 151 25.15 9.65 28.37
C ILE B 151 24.14 8.68 27.76
N ILE B 152 23.91 8.80 26.45
CA ILE B 152 22.83 8.09 25.76
C ILE B 152 23.12 6.60 25.67
N ILE B 153 24.29 6.24 25.14
CA ILE B 153 24.54 4.85 24.74
C ILE B 153 24.47 3.90 25.93
N PRO B 154 25.14 4.16 27.06
CA PRO B 154 25.01 3.23 28.19
C PRO B 154 23.57 3.06 28.64
N GLN B 155 22.75 4.11 28.55
CA GLN B 155 21.36 4.00 28.95
C GLN B 155 20.57 3.11 28.00
N LEU B 156 20.84 3.22 26.69
CA LEU B 156 20.14 2.35 25.74
C LEU B 156 20.47 0.90 25.99
N VAL B 157 21.75 0.57 26.14
CA VAL B 157 22.07 -0.84 26.29
C VAL B 157 21.72 -1.34 27.68
N LYS B 158 21.61 -0.45 28.67
CA LYS B 158 21.12 -0.86 29.98
C LYS B 158 19.70 -1.40 29.89
N HIS B 159 18.84 -0.73 29.11
CA HIS B 159 17.43 -1.11 29.05
C HIS B 159 17.10 -2.07 27.93
N SER B 160 17.95 -2.16 26.91
CA SER B 160 17.76 -3.09 25.79
C SER B 160 19.09 -3.77 25.46
N PRO B 161 19.53 -4.71 26.31
CA PRO B 161 20.84 -5.34 26.08
C PRO B 161 20.98 -6.04 24.71
N ASP B 162 19.88 -6.46 24.09
CA ASP B 162 19.93 -7.19 22.82
C ASP B 162 19.58 -6.32 21.63
N THR B 163 19.80 -5.02 21.72
CA THR B 163 19.33 -4.13 20.68
C THR B 163 20.40 -4.01 19.59
N ILE B 164 19.98 -3.44 18.46
CA ILE B 164 20.85 -2.99 17.39
C ILE B 164 20.86 -1.47 17.44
N LEU B 165 22.02 -0.84 17.26
CA LEU B 165 22.09 0.61 17.19
C LEU B 165 22.22 1.08 15.75
N ILE B 166 21.46 2.12 15.40
CA ILE B 166 21.63 2.82 14.12
C ILE B 166 21.95 4.25 14.48
N ILE B 167 23.17 4.69 14.20
CA ILE B 167 23.63 6.02 14.59
C ILE B 167 23.41 6.97 13.41
N ALA B 168 22.86 8.15 13.68
CA ALA B 168 22.55 9.05 12.59
C ALA B 168 23.06 10.46 12.82
N SER B 169 23.78 10.70 13.90
CA SER B 169 24.33 12.02 14.18
CA SER B 169 24.32 12.03 14.16
C SER B 169 25.63 12.23 13.40
N ASN B 170 25.94 13.49 13.10
CA ASN B 170 27.11 13.78 12.28
C ASN B 170 28.28 14.20 13.15
N PRO B 171 29.52 13.81 12.79
CA PRO B 171 29.90 12.99 11.63
C PRO B 171 29.62 11.53 11.85
N VAL B 172 28.87 10.91 10.94
CA VAL B 172 28.22 9.65 11.29
C VAL B 172 29.23 8.50 11.43
N ASP B 173 30.28 8.49 10.61
CA ASP B 173 31.21 7.36 10.64
C ASP B 173 31.96 7.30 11.96
N ILE B 174 32.51 8.42 12.40
CA ILE B 174 33.24 8.37 13.65
CA ILE B 174 33.23 8.46 13.66
C ILE B 174 32.28 8.20 14.83
N LEU B 175 31.07 8.77 14.76
CA LEU B 175 30.15 8.61 15.89
C LEU B 175 29.58 7.20 15.94
N THR B 176 29.54 6.49 14.82
CA THR B 176 29.20 5.07 14.88
C THR B 176 30.29 4.28 15.62
N TYR B 177 31.56 4.58 15.33
CA TYR B 177 32.65 3.97 16.08
C TYR B 177 32.55 4.28 17.56
N VAL B 178 32.30 5.56 17.89
CA VAL B 178 32.20 5.95 19.29
C VAL B 178 31.07 5.19 19.97
N SER B 179 29.92 5.08 19.31
CA SER B 179 28.78 4.37 19.87
C SER B 179 29.07 2.89 20.03
N TRP B 180 29.74 2.28 19.05
CA TRP B 180 30.14 0.89 19.19
C TRP B 180 31.05 0.69 20.41
N LYS B 181 32.10 1.51 20.53
CA LYS B 181 32.99 1.40 21.69
C LYS B 181 32.23 1.60 23.01
N LEU B 182 31.33 2.59 23.06
CA LEU B 182 30.61 2.87 24.31
C LEU B 182 29.61 1.77 24.63
N SER B 183 29.07 1.08 23.61
CA SER B 183 27.96 0.15 23.83
C SER B 183 28.43 -1.20 24.34
N GLY B 184 29.67 -1.60 24.03
CA GLY B 184 30.05 -2.97 24.29
C GLY B 184 29.36 -4.00 23.42
N LEU B 185 28.63 -3.58 22.39
CA LEU B 185 27.89 -4.52 21.55
C LEU B 185 28.80 -5.16 20.51
N PRO B 186 28.43 -6.33 20.00
CA PRO B 186 29.17 -6.91 18.88
C PRO B 186 29.19 -5.97 17.68
N LYS B 187 30.25 -6.09 16.89
CA LYS B 187 30.50 -5.19 15.76
C LYS B 187 29.36 -5.20 14.74
N HIS B 188 28.72 -6.34 14.52
CA HIS B 188 27.67 -6.39 13.52
C HIS B 188 26.34 -5.83 14.03
N ARG B 189 26.27 -5.38 15.28
CA ARG B 189 25.01 -4.86 15.82
C ARG B 189 25.03 -3.34 15.96
N VAL B 190 26.05 -2.67 15.43
CA VAL B 190 26.12 -1.21 15.48
C VAL B 190 26.43 -0.72 14.08
N ILE B 191 25.53 0.08 13.49
CA ILE B 191 25.75 0.67 12.18
C ILE B 191 25.40 2.15 12.23
N GLY B 192 25.84 2.87 11.20
CA GLY B 192 25.49 4.27 11.04
C GLY B 192 24.77 4.52 9.74
N SER B 193 23.99 5.60 9.65
CA SER B 193 23.24 5.88 8.44
C SER B 193 24.17 6.03 7.23
N GLY B 194 25.41 6.45 7.45
CA GLY B 194 26.44 6.37 6.43
C GLY B 194 26.01 6.97 5.10
N THR B 195 26.27 6.24 4.02
CA THR B 195 26.00 6.70 2.67
C THR B 195 24.74 6.09 2.08
N ASN B 196 23.81 5.61 2.91
CA ASN B 196 22.66 4.93 2.36
C ASN B 196 21.83 5.89 1.51
N LEU B 197 21.53 7.06 2.08
CA LEU B 197 20.77 8.07 1.34
C LEU B 197 21.56 8.58 0.14
N ASP B 198 22.86 8.85 0.32
CA ASP B 198 23.72 9.26 -0.80
CA ASP B 198 23.56 9.35 -0.85
C ASP B 198 23.59 8.31 -1.97
N SER B 199 23.70 7.01 -1.66
CA SER B 199 23.66 5.99 -2.70
C SER B 199 22.32 5.99 -3.41
N ALA B 200 21.23 6.13 -2.67
CA ALA B 200 19.92 6.18 -3.31
C ALA B 200 19.81 7.39 -4.23
N ARG B 201 20.28 8.55 -3.77
CA ARG B 201 20.19 9.74 -4.61
C ARG B 201 21.07 9.59 -5.85
N PHE B 202 22.25 9.01 -5.67
CA PHE B 202 23.14 8.66 -6.78
C PHE B 202 22.41 7.83 -7.84
N ARG B 203 21.75 6.74 -7.42
CA ARG B 203 20.99 5.92 -8.36
C ARG B 203 19.86 6.70 -9.00
N TYR B 204 19.18 7.56 -8.22
CA TYR B 204 18.12 8.39 -8.77
C TYR B 204 18.64 9.35 -9.83
N LEU B 205 19.80 9.99 -9.59
CA LEU B 205 20.36 10.90 -10.59
C LEU B 205 20.78 10.16 -11.85
N LEU B 206 21.34 8.95 -11.71
CA LEU B 206 21.65 8.16 -12.91
C LEU B 206 20.37 7.85 -13.68
N SER B 207 19.32 7.50 -12.95
CA SER B 207 18.01 7.24 -13.54
C SER B 207 17.45 8.46 -14.25
N GLU B 208 17.55 9.64 -13.64
CA GLU B 208 17.05 10.84 -14.32
CA GLU B 208 17.10 10.87 -14.29
C GLU B 208 17.86 11.13 -15.58
N LYS B 209 19.18 10.91 -15.55
CA LYS B 209 19.97 11.15 -16.75
C LYS B 209 19.58 10.19 -17.86
N LEU B 210 19.24 8.94 -17.54
CA LEU B 210 19.05 7.92 -18.54
C LEU B 210 17.59 7.70 -18.95
N GLY B 211 16.63 8.24 -18.20
CA GLY B 211 15.23 7.96 -18.49
C GLY B 211 14.84 6.52 -18.21
N ILE B 212 15.44 5.91 -17.20
CA ILE B 212 15.23 4.51 -16.85
C ILE B 212 14.94 4.48 -15.35
N ALA B 213 13.99 3.65 -14.93
CA ALA B 213 13.61 3.64 -13.53
C ALA B 213 14.80 3.33 -12.61
N THR B 214 14.75 3.91 -11.41
CA THR B 214 15.84 3.69 -10.46
CA THR B 214 15.81 3.69 -10.41
C THR B 214 16.00 2.22 -10.12
N THR B 215 14.91 1.44 -10.21
CA THR B 215 15.01 0.00 -9.95
C THR B 215 15.91 -0.74 -10.94
N SER B 216 16.32 -0.11 -12.06
CA SER B 216 17.30 -0.75 -12.92
C SER B 216 18.63 0.00 -12.95
N CYS B 217 18.80 1.00 -12.10
CA CYS B 217 20.07 1.74 -12.02
C CYS B 217 20.74 1.36 -10.71
N HIS B 218 21.88 0.67 -10.80
CA HIS B 218 22.48 0.06 -9.62
C HIS B 218 23.86 0.66 -9.35
N GLY B 219 24.17 0.83 -8.08
CA GLY B 219 25.45 1.43 -7.71
C GLY B 219 25.44 1.94 -6.29
N TYR B 220 26.63 2.11 -5.74
CA TYR B 220 26.80 2.54 -4.36
C TYR B 220 27.85 3.63 -4.27
N ILE B 221 27.64 4.51 -3.31
CA ILE B 221 28.68 5.37 -2.75
C ILE B 221 29.10 4.74 -1.43
N ILE B 222 30.40 4.62 -1.21
CA ILE B 222 30.90 3.98 0.00
C ILE B 222 31.85 4.94 0.70
N GLY B 223 32.43 4.48 1.81
CA GLY B 223 33.48 5.26 2.47
C GLY B 223 32.91 6.29 3.44
N GLU B 224 33.60 7.44 3.54
CA GLU B 224 33.28 8.47 4.52
C GLU B 224 32.17 9.37 4.00
N HIS B 225 31.08 9.45 4.74
CA HIS B 225 29.93 10.25 4.34
C HIS B 225 30.34 11.70 4.10
N GLY B 226 30.02 12.22 2.92
CA GLY B 226 30.26 13.63 2.60
C GLY B 226 31.23 13.80 1.45
N ASP B 227 32.02 14.89 1.52
CA ASP B 227 32.84 15.31 0.39
C ASP B 227 33.80 14.23 -0.08
N SER B 228 34.26 13.36 0.82
CA SER B 228 35.28 12.38 0.48
C SER B 228 34.70 11.00 0.21
N SER B 229 33.39 10.91 0.09
CA SER B 229 32.80 9.60 -0.15
C SER B 229 33.19 9.07 -1.53
N VAL B 230 33.07 7.77 -1.72
CA VAL B 230 33.64 7.09 -2.87
C VAL B 230 32.51 6.56 -3.74
N PRO B 231 32.28 7.13 -4.93
CA PRO B 231 31.35 6.50 -5.87
C PRO B 231 32.00 5.28 -6.48
N VAL B 232 31.35 4.13 -6.38
CA VAL B 232 31.99 2.89 -6.84
C VAL B 232 31.60 2.70 -8.30
N TRP B 233 32.18 3.55 -9.15
CA TRP B 233 31.91 3.52 -10.58
C TRP B 233 32.16 2.15 -11.17
N SER B 234 33.12 1.39 -10.64
CA SER B 234 33.40 0.06 -11.18
C SER B 234 32.20 -0.87 -11.07
N GLY B 235 31.27 -0.61 -10.16
CA GLY B 235 30.14 -1.50 -9.94
C GLY B 235 28.82 -0.95 -10.44
N VAL B 236 28.84 0.28 -10.94
CA VAL B 236 27.61 0.89 -11.47
C VAL B 236 27.19 0.18 -12.74
N ASN B 237 25.91 -0.17 -12.82
CA ASN B 237 25.41 -0.81 -14.02
C ASN B 237 23.92 -0.53 -14.15
N ILE B 238 23.48 -0.49 -15.40
CA ILE B 238 22.08 -0.26 -15.76
C ILE B 238 21.54 -1.57 -16.31
N ALA B 239 20.63 -2.22 -15.59
CA ALA B 239 20.05 -3.48 -16.03
C ALA B 239 21.16 -4.47 -16.42
N GLY B 240 22.24 -4.47 -15.67
CA GLY B 240 23.35 -5.38 -15.90
C GLY B 240 24.42 -4.92 -16.87
N VAL B 241 24.31 -3.70 -17.41
CA VAL B 241 25.27 -3.18 -18.37
C VAL B 241 26.11 -2.12 -17.68
N ARG B 242 27.43 -2.31 -17.67
CA ARG B 242 28.33 -1.31 -17.12
C ARG B 242 28.29 -0.03 -17.95
N LEU B 243 28.63 1.10 -17.32
CA LEU B 243 28.56 2.40 -17.99
C LEU B 243 29.44 2.45 -19.23
N SER B 244 30.61 1.83 -19.18
CA SER B 244 31.46 1.83 -20.35
C SER B 244 30.87 1.06 -21.52
N ASP B 245 29.83 0.24 -21.31
CA ASP B 245 29.19 -0.50 -22.39
C ASP B 245 27.83 0.06 -22.79
N LEU B 246 27.34 1.05 -22.09
CA LEU B 246 25.99 1.53 -22.30
C LEU B 246 25.81 2.10 -23.69
N ASN B 247 24.76 1.64 -24.41
CA ASN B 247 24.41 2.18 -25.73
C ASN B 247 22.89 2.32 -25.73
N GLN B 248 22.40 3.43 -25.18
CA GLN B 248 20.96 3.63 -25.02
C GLN B 248 20.58 4.95 -25.68
N LYS B 249 19.26 5.21 -25.76
CA LYS B 249 18.80 6.41 -26.45
C LYS B 249 18.98 7.67 -25.61
N ILE B 250 18.51 7.66 -24.37
CA ILE B 250 18.59 8.85 -23.52
C ILE B 250 19.92 8.83 -22.80
N ASN B 258 31.79 13.29 -17.97
CA ASN B 258 30.65 14.01 -17.42
C ASN B 258 29.90 13.15 -16.41
N TRP B 259 30.18 11.84 -16.43
CA TRP B 259 29.54 10.96 -15.46
C TRP B 259 29.94 11.31 -14.04
N LYS B 260 31.19 11.73 -13.84
CA LYS B 260 31.68 12.03 -12.50
C LYS B 260 30.86 13.12 -11.84
N GLU B 261 30.27 14.02 -12.64
CA GLU B 261 29.49 15.13 -12.10
C GLU B 261 28.38 14.65 -11.17
N THR B 262 27.85 13.45 -11.43
CA THR B 262 26.72 12.94 -10.64
C THR B 262 27.08 12.81 -9.17
N HIS B 263 28.26 12.27 -8.87
CA HIS B 263 28.67 12.14 -7.48
C HIS B 263 28.88 13.52 -6.86
N THR B 264 29.50 14.44 -7.61
CA THR B 264 29.69 15.79 -7.09
C THR B 264 28.34 16.44 -6.78
N MET B 265 27.36 16.25 -7.67
CA MET B 265 26.01 16.78 -7.41
C MET B 265 25.43 16.23 -6.13
N VAL B 266 25.59 14.92 -5.89
CA VAL B 266 25.03 14.33 -4.68
C VAL B 266 25.63 14.97 -3.43
N VAL B 267 26.96 15.11 -3.40
CA VAL B 267 27.58 15.66 -2.19
C VAL B 267 27.32 17.16 -2.09
N LYS B 268 27.37 17.89 -3.21
CA LYS B 268 27.20 19.34 -3.13
C LYS B 268 25.77 19.73 -2.78
N SER B 269 24.79 18.99 -3.31
CA SER B 269 23.39 19.30 -2.98
C SER B 269 23.05 18.93 -1.54
N ALA B 270 23.66 17.88 -1.00
CA ALA B 270 23.46 17.57 0.42
C ALA B 270 23.99 18.70 1.30
N TYR B 271 25.18 19.21 0.98
CA TYR B 271 25.71 20.32 1.77
C TYR B 271 24.80 21.54 1.63
N GLU B 272 24.28 21.78 0.43
CA GLU B 272 23.46 22.96 0.20
C GLU B 272 22.17 22.93 1.03
N VAL B 273 21.56 21.75 1.20
CA VAL B 273 20.37 21.67 2.06
C VAL B 273 20.69 22.22 3.44
N ILE B 274 21.83 21.78 4.00
CA ILE B 274 22.20 22.16 5.34
C ILE B 274 22.47 23.66 5.41
N LYS B 275 23.05 24.23 4.37
CA LYS B 275 23.29 25.66 4.35
C LYS B 275 22.00 26.47 4.32
N LEU B 276 20.94 25.94 3.69
CA LEU B 276 19.75 26.72 3.38
C LEU B 276 18.66 26.66 4.45
N LYS B 277 18.34 25.47 4.96
CA LYS B 277 17.39 25.39 6.06
C LYS B 277 18.07 25.15 7.41
N GLY B 278 19.36 24.83 7.43
CA GLY B 278 20.10 24.64 8.66
C GLY B 278 20.33 23.19 9.02
N TYR B 279 19.62 22.27 8.38
CA TYR B 279 19.62 20.86 8.75
C TYR B 279 18.95 20.12 7.62
N THR B 280 19.12 18.80 7.59
CA THR B 280 18.28 17.92 6.79
C THR B 280 17.35 17.14 7.71
N SER B 281 16.16 16.82 7.21
CA SER B 281 15.24 16.09 8.07
C SER B 281 14.47 15.06 7.26
N TRP B 282 13.80 15.49 6.20
CA TRP B 282 12.93 14.58 5.46
C TRP B 282 13.73 13.45 4.80
N ALA B 283 14.86 13.76 4.17
CA ALA B 283 15.57 12.72 3.43
C ALA B 283 16.18 11.67 4.36
N ILE B 284 16.87 12.13 5.41
CA ILE B 284 17.47 11.23 6.38
C ILE B 284 16.40 10.44 7.14
N GLY B 285 15.26 11.06 7.44
CA GLY B 285 14.16 10.32 8.06
C GLY B 285 13.70 9.13 7.24
N LEU B 286 13.55 9.33 5.92
CA LEU B 286 13.19 8.23 5.02
C LEU B 286 14.28 7.17 4.95
N SER B 287 15.54 7.61 4.93
CA SER B 287 16.64 6.66 4.91
C SER B 287 16.63 5.78 6.16
N LEU B 288 16.45 6.39 7.32
CA LEU B 288 16.46 5.63 8.57
C LEU B 288 15.30 4.67 8.64
N SER B 289 14.12 5.14 8.21
CA SER B 289 12.96 4.25 8.12
C SER B 289 13.27 3.05 7.22
N GLN B 290 13.96 3.27 6.10
CA GLN B 290 14.26 2.14 5.23
C GLN B 290 15.20 1.15 5.91
N LEU B 291 16.21 1.64 6.65
CA LEU B 291 17.12 0.74 7.35
C LEU B 291 16.42 -0.02 8.45
N ALA B 292 15.54 0.66 9.22
CA ALA B 292 14.76 -0.02 10.24
C ALA B 292 13.92 -1.13 9.64
N ARG B 293 13.27 -0.86 8.51
CA ARG B 293 12.43 -1.89 7.90
C ARG B 293 13.26 -3.10 7.47
N ALA B 294 14.43 -2.86 6.89
CA ALA B 294 15.25 -3.99 6.42
C ALA B 294 15.60 -4.90 7.58
N ILE B 295 15.94 -4.32 8.73
CA ILE B 295 16.33 -5.10 9.89
C ILE B 295 15.13 -5.79 10.51
N LEU B 296 14.06 -5.02 10.75
CA LEU B 296 12.88 -5.59 11.40
C LEU B 296 12.26 -6.70 10.56
N SER B 297 12.24 -6.53 9.23
CA SER B 297 11.57 -7.51 8.39
C SER B 297 12.48 -8.66 7.98
N ASN B 298 13.72 -8.69 8.46
CA ASN B 298 14.72 -9.68 8.12
C ASN B 298 14.88 -9.80 6.61
N ALA B 299 15.01 -8.66 5.95
CA ALA B 299 14.91 -8.65 4.49
C ALA B 299 16.18 -9.14 3.80
N ASN B 300 17.33 -9.04 4.47
CA ASN B 300 18.62 -9.32 3.84
C ASN B 300 18.82 -8.49 2.58
N SER B 301 18.32 -7.26 2.62
CA SER B 301 18.54 -6.33 1.54
C SER B 301 19.87 -5.63 1.78
N VAL B 302 20.42 -5.05 0.73
CA VAL B 302 21.75 -4.44 0.77
C VAL B 302 21.64 -2.93 0.91
N HIS B 303 22.33 -2.38 1.89
CA HIS B 303 22.36 -0.94 2.16
C HIS B 303 23.77 -0.50 2.48
N ALA B 304 24.19 0.62 1.91
CA ALA B 304 25.47 1.22 2.27
C ALA B 304 25.34 1.92 3.62
N VAL B 305 25.96 1.36 4.66
CA VAL B 305 25.84 1.89 6.02
C VAL B 305 27.21 1.87 6.66
N SER B 306 27.42 2.76 7.62
CA SER B 306 28.69 2.81 8.37
C SER B 306 28.85 1.51 9.13
N THR B 307 29.95 0.81 8.90
CA THR B 307 30.09 -0.54 9.46
C THR B 307 31.55 -0.78 9.81
N TYR B 308 31.77 -1.75 10.70
CA TYR B 308 33.11 -2.11 11.13
C TYR B 308 33.97 -2.56 9.95
N LEU B 309 35.07 -1.86 9.73
CA LEU B 309 35.76 -1.94 8.45
C LEU B 309 37.03 -2.77 8.48
N LYS B 310 37.62 -2.96 9.66
CA LYS B 310 38.89 -3.66 9.75
C LYS B 310 38.78 -5.06 9.19
N GLY B 311 39.73 -5.42 8.33
CA GLY B 311 39.73 -6.71 7.67
C GLY B 311 39.10 -6.73 6.30
N GLU B 312 38.50 -5.62 5.86
CA GLU B 312 37.97 -5.51 4.51
C GLU B 312 38.90 -4.63 3.68
N HIS B 313 39.07 -4.97 2.41
CA HIS B 313 39.81 -4.13 1.46
C HIS B 313 41.21 -3.79 1.96
N ASP B 314 41.80 -4.70 2.73
CA ASP B 314 43.16 -4.53 3.23
C ASP B 314 43.28 -3.42 4.27
N ILE B 315 42.16 -3.02 4.87
CA ILE B 315 42.19 -1.99 5.90
CA ILE B 315 42.15 -2.00 5.91
C ILE B 315 42.52 -2.64 7.24
N ASN B 316 43.53 -2.09 7.91
CA ASN B 316 43.99 -2.59 9.20
C ASN B 316 43.55 -1.72 10.36
N ASP B 317 42.98 -0.55 10.07
CA ASP B 317 42.52 0.38 11.09
C ASP B 317 41.15 -0.04 11.60
N GLU B 318 40.96 0.01 12.92
CA GLU B 318 39.65 -0.25 13.52
C GLU B 318 38.81 1.03 13.41
N VAL B 319 38.20 1.20 12.24
CA VAL B 319 37.35 2.35 11.94
C VAL B 319 36.01 1.83 11.42
N PHE B 320 35.05 2.75 11.29
CA PHE B 320 33.79 2.49 10.61
C PHE B 320 33.70 3.43 9.42
N LEU B 321 33.33 2.87 8.26
CA LEU B 321 32.99 3.61 7.06
C LEU B 321 31.91 2.82 6.33
N SER B 322 31.27 3.45 5.36
CA SER B 322 30.15 2.77 4.67
C SER B 322 30.65 1.74 3.67
N LEU B 323 30.06 0.56 3.71
CA LEU B 323 30.16 -0.45 2.67
C LEU B 323 28.74 -0.99 2.48
N PRO B 324 28.43 -1.58 1.32
CA PRO B 324 27.09 -2.19 1.17
C PRO B 324 27.00 -3.43 2.07
N CYS B 325 26.01 -3.45 2.95
CA CYS B 325 25.86 -4.51 3.93
C CYS B 325 24.53 -5.20 3.71
N VAL B 326 24.52 -6.52 3.87
CA VAL B 326 23.29 -7.28 3.94
C VAL B 326 22.73 -7.12 5.35
N LEU B 327 21.53 -6.56 5.46
CA LEU B 327 20.93 -6.25 6.76
C LEU B 327 19.72 -7.16 7.01
N GLY B 328 19.65 -7.73 8.21
CA GLY B 328 18.48 -8.46 8.65
C GLY B 328 18.32 -8.42 10.15
N ARG B 329 17.60 -9.39 10.72
CA ARG B 329 17.23 -9.31 12.14
C ARG B 329 18.44 -9.37 13.06
N SER B 330 19.55 -9.94 12.61
CA SER B 330 20.76 -10.00 13.43
CA SER B 330 20.74 -10.00 13.46
C SER B 330 21.61 -8.75 13.31
N GLY B 331 21.26 -7.84 12.41
CA GLY B 331 22.07 -6.65 12.17
C GLY B 331 22.81 -6.79 10.84
N VAL B 332 24.12 -6.60 10.82
CA VAL B 332 24.89 -6.83 9.60
C VAL B 332 25.13 -8.34 9.48
N CYS B 333 24.52 -8.95 8.46
CA CYS B 333 24.70 -10.37 8.20
CA CYS B 333 24.70 -10.37 8.20
C CYS B 333 25.96 -10.64 7.40
N ASP B 334 26.34 -9.70 6.54
CA ASP B 334 27.54 -9.86 5.70
C ASP B 334 27.80 -8.51 5.07
N VAL B 335 29.00 -8.32 4.57
CA VAL B 335 29.40 -7.13 3.82
CA VAL B 335 29.36 -7.13 3.81
C VAL B 335 29.57 -7.55 2.36
N ILE B 336 29.04 -6.76 1.43
CA ILE B 336 29.26 -7.05 0.03
C ILE B 336 30.70 -6.66 -0.28
N ARG B 337 31.48 -7.60 -0.80
CA ARG B 337 32.90 -7.34 -1.06
C ARG B 337 33.06 -6.98 -2.53
N GLN B 338 33.13 -5.69 -2.80
CA GLN B 338 33.24 -5.20 -4.18
C GLN B 338 34.69 -5.26 -4.65
N PRO B 339 34.92 -5.64 -5.90
CA PRO B 339 36.29 -5.60 -6.45
C PRO B 339 36.66 -4.16 -6.82
N LEU B 340 37.09 -3.41 -5.80
CA LEU B 340 37.37 -1.98 -5.98
C LEU B 340 38.60 -1.76 -6.86
N THR B 341 38.56 -0.66 -7.63
CA THR B 341 39.72 -0.31 -8.43
C THR B 341 40.79 0.35 -7.57
N GLN B 342 41.97 0.55 -8.16
CA GLN B 342 43.04 1.22 -7.43
C GLN B 342 42.59 2.58 -6.90
N THR B 343 41.88 3.35 -7.73
CA THR B 343 41.46 4.68 -7.30
C THR B 343 40.43 4.59 -6.18
N GLU B 344 39.50 3.64 -6.27
CA GLU B 344 38.50 3.51 -5.22
C GLU B 344 39.13 3.04 -3.92
N ARG B 345 40.04 2.07 -3.98
CA ARG B 345 40.78 1.63 -2.80
C ARG B 345 41.58 2.76 -2.17
N SER B 346 42.27 3.55 -3.02
CA SER B 346 43.08 4.65 -2.52
C SER B 346 42.25 5.63 -1.70
N GLN B 347 41.08 6.02 -2.22
CA GLN B 347 40.23 6.96 -1.50
C GLN B 347 39.74 6.35 -0.18
N LEU B 348 39.33 5.09 -0.22
CA LEU B 348 38.84 4.44 1.00
C LEU B 348 39.94 4.34 2.03
N HIS B 349 41.15 3.99 1.61
CA HIS B 349 42.26 3.84 2.56
CA HIS B 349 42.24 3.85 2.57
C HIS B 349 42.62 5.19 3.19
N GLN B 350 42.63 6.25 2.37
CA GLN B 350 42.93 7.57 2.91
C GLN B 350 41.89 7.98 3.96
N SER B 351 40.61 7.74 3.67
CA SER B 351 39.60 8.06 4.67
C SER B 351 39.78 7.24 5.94
N ALA B 352 40.08 5.95 5.81
CA ALA B 352 40.30 5.12 6.99
C ALA B 352 41.50 5.62 7.79
N ASP B 353 42.59 5.96 7.10
CA ASP B 353 43.78 6.49 7.77
CA ASP B 353 43.78 6.48 7.78
C ASP B 353 43.45 7.74 8.58
N LEU B 354 42.78 8.69 7.96
CA LEU B 354 42.49 9.94 8.64
C LEU B 354 41.53 9.70 9.80
N MET B 355 40.58 8.81 9.61
CA MET B 355 39.62 8.51 10.67
C MET B 355 40.29 7.88 11.88
N ALA B 356 41.22 6.95 11.67
CA ALA B 356 41.94 6.40 12.80
C ALA B 356 42.63 7.50 13.61
N LYS B 357 43.21 8.49 12.93
CA LYS B 357 43.89 9.57 13.65
C LYS B 357 42.89 10.43 14.45
N VAL B 358 41.73 10.74 13.87
CA VAL B 358 40.74 11.50 14.65
C VAL B 358 40.29 10.69 15.87
N GLN B 359 40.03 9.40 15.67
CA GLN B 359 39.61 8.56 16.79
C GLN B 359 40.59 8.61 17.94
N ALA B 360 41.88 8.67 17.62
CA ALA B 360 42.89 8.70 18.66
C ALA B 360 42.82 9.97 19.50
N GLY B 361 42.21 11.05 18.99
CA GLY B 361 42.11 12.23 19.82
C GLY B 361 40.86 12.33 20.66
N ILE B 362 39.95 11.36 20.54
CA ILE B 362 38.70 11.39 21.29
C ILE B 362 38.98 11.06 22.75
N LYS B 363 38.32 11.80 23.65
CA LYS B 363 38.46 11.57 25.08
C LYS B 363 37.24 10.78 25.56
N PHE B 364 37.48 9.53 25.93
CA PHE B 364 36.39 8.65 26.33
C PHE B 364 36.21 8.72 27.85
N GLY C 52 -2.88 16.31 -13.68
CA GLY C 52 -4.25 16.14 -13.24
C GLY C 52 -4.38 16.04 -11.73
N ASN C 53 -3.25 15.82 -11.06
CA ASN C 53 -3.23 15.68 -9.61
C ASN C 53 -2.29 16.68 -8.92
N LYS C 54 -2.02 17.82 -9.54
CA LYS C 54 -1.05 18.75 -8.95
C LYS C 54 -1.65 19.44 -7.72
N VAL C 55 -0.91 19.43 -6.63
CA VAL C 55 -1.29 20.13 -5.40
C VAL C 55 -0.26 21.21 -5.11
N THR C 56 -0.72 22.42 -4.81
CA THR C 56 0.15 23.49 -4.34
C THR C 56 -0.08 23.65 -2.84
N VAL C 57 1.00 23.75 -2.07
CA VAL C 57 0.90 24.05 -0.66
C VAL C 57 1.50 25.43 -0.44
N VAL C 58 0.72 26.33 0.18
CA VAL C 58 1.19 27.69 0.45
C VAL C 58 1.61 27.76 1.91
N GLY C 59 2.88 28.09 2.14
CA GLY C 59 3.41 28.11 3.49
C GLY C 59 4.28 26.90 3.74
N VAL C 60 5.58 27.09 3.99
CA VAL C 60 6.46 25.95 4.25
C VAL C 60 6.89 25.99 5.71
N GLY C 61 5.99 26.40 6.58
CA GLY C 61 6.20 26.23 8.01
C GLY C 61 5.88 24.80 8.39
N GLN C 62 5.66 24.59 9.70
CA GLN C 62 5.53 23.23 10.22
C GLN C 62 4.34 22.50 9.60
N VAL C 63 3.21 23.19 9.48
CA VAL C 63 2.00 22.54 8.98
C VAL C 63 2.14 22.24 7.49
N GLY C 64 2.63 23.22 6.72
CA GLY C 64 2.75 23.01 5.29
C GLY C 64 3.70 21.87 4.97
N MET C 65 4.84 21.81 5.67
CA MET C 65 5.79 20.75 5.35
C MET C 65 5.27 19.37 5.77
N ALA C 66 4.50 19.31 6.88
CA ALA C 66 3.91 18.04 7.28
C ALA C 66 2.85 17.60 6.28
N ALA C 67 2.10 18.55 5.74
CA ALA C 67 1.14 18.24 4.69
C ALA C 67 1.84 17.69 3.45
N VAL C 68 2.85 18.40 2.95
CA VAL C 68 3.54 17.95 1.73
C VAL C 68 4.12 16.57 1.95
N PHE C 69 4.81 16.37 3.08
CA PHE C 69 5.48 15.09 3.34
C PHE C 69 4.47 13.96 3.48
N SER C 70 3.35 14.20 4.17
CA SER C 70 2.30 13.20 4.21
C SER C 70 1.81 12.87 2.81
N MET C 71 1.59 13.90 1.97
CA MET C 71 1.00 13.61 0.66
C MET C 71 1.96 12.82 -0.22
N ILE C 72 3.23 13.22 -0.27
CA ILE C 72 4.11 12.56 -1.22
C ILE C 72 4.43 11.13 -0.78
N THR C 73 4.59 10.90 0.53
CA THR C 73 4.93 9.56 0.99
C THR C 73 3.73 8.63 1.07
N GLN C 74 2.52 9.16 1.22
CA GLN C 74 1.33 8.31 1.24
C GLN C 74 0.76 8.12 -0.17
N GLY C 75 1.46 8.64 -1.18
CA GLY C 75 1.05 8.47 -2.57
C GLY C 75 -0.17 9.26 -2.96
N VAL C 76 -0.48 10.34 -2.25
CA VAL C 76 -1.65 11.14 -2.57
C VAL C 76 -1.47 11.86 -3.90
N THR C 77 -0.28 12.40 -4.13
CA THR C 77 0.01 13.00 -5.42
C THR C 77 1.50 12.85 -5.68
N ASN C 78 1.85 12.90 -6.95
CA ASN C 78 3.25 12.92 -7.34
C ASN C 78 3.62 14.23 -8.03
N ASN C 79 2.87 15.29 -7.79
CA ASN C 79 3.11 16.59 -8.43
C ASN C 79 2.79 17.68 -7.41
N ILE C 80 3.82 18.21 -6.76
CA ILE C 80 3.68 19.14 -5.64
C ILE C 80 4.37 20.45 -5.98
N ALA C 81 3.73 21.57 -5.65
CA ALA C 81 4.39 22.88 -5.67
C ALA C 81 4.31 23.51 -4.29
N MET C 82 5.37 24.20 -3.89
CA MET C 82 5.37 24.89 -2.61
C MET C 82 5.64 26.36 -2.85
N VAL C 83 4.83 27.23 -2.22
CA VAL C 83 5.04 28.67 -2.32
C VAL C 83 5.14 29.28 -0.93
N ASP C 84 6.10 30.19 -0.77
CA ASP C 84 6.25 30.97 0.45
C ASP C 84 7.08 32.19 0.10
N VAL C 85 7.27 33.08 1.07
CA VAL C 85 8.01 34.32 0.82
C VAL C 85 9.49 34.21 1.12
N MET C 86 9.93 33.16 1.83
CA MET C 86 11.33 33.03 2.22
C MET C 86 12.04 32.13 1.22
N ALA C 87 12.86 32.73 0.34
CA ALA C 87 13.40 31.99 -0.80
C ALA C 87 14.36 30.88 -0.35
N ASP C 88 15.25 31.18 0.60
CA ASP C 88 16.25 30.20 1.02
C ASP C 88 15.59 29.02 1.72
N LYS C 89 14.66 29.29 2.65
CA LYS C 89 13.93 28.21 3.31
C LYS C 89 13.20 27.33 2.31
N LEU C 90 12.50 27.95 1.34
CA LEU C 90 11.78 27.21 0.30
C LEU C 90 12.71 26.27 -0.46
N LYS C 91 13.85 26.80 -0.91
CA LYS C 91 14.78 25.98 -1.68
CA LYS C 91 14.79 25.98 -1.68
C LYS C 91 15.35 24.86 -0.82
N GLY C 92 15.65 25.16 0.46
CA GLY C 92 16.15 24.13 1.35
C GLY C 92 15.15 23.00 1.51
N GLU C 93 13.89 23.33 1.75
CA GLU C 93 12.88 22.29 1.87
C GLU C 93 12.68 21.53 0.56
N LEU C 94 12.67 22.26 -0.57
CA LEU C 94 12.57 21.62 -1.88
C LEU C 94 13.65 20.57 -2.04
N MET C 95 14.90 20.98 -1.78
CA MET C 95 16.02 20.10 -2.02
C MET C 95 16.03 18.94 -1.04
N ASP C 96 15.63 19.18 0.20
CA ASP C 96 15.54 18.08 1.17
C ASP C 96 14.56 17.03 0.70
N LEU C 97 13.37 17.47 0.25
CA LEU C 97 12.36 16.53 -0.23
C LEU C 97 12.81 15.81 -1.49
N GLN C 98 13.45 16.53 -2.42
CA GLN C 98 13.93 15.88 -3.65
C GLN C 98 14.99 14.86 -3.34
N HIS C 99 15.85 15.14 -2.36
CA HIS C 99 16.84 14.14 -1.94
C HIS C 99 16.17 12.91 -1.37
N GLY C 100 15.04 13.08 -0.69
CA GLY C 100 14.27 11.96 -0.20
C GLY C 100 13.45 11.25 -1.27
N SER C 101 12.94 12.01 -2.25
CA SER C 101 12.30 11.43 -3.44
C SER C 101 13.11 10.31 -4.04
N ALA C 102 14.41 10.34 -3.84
CA ALA C 102 15.29 9.26 -4.23
C ALA C 102 14.70 7.89 -3.87
N PHE C 103 13.94 7.82 -2.78
CA PHE C 103 13.43 6.54 -2.30
C PHE C 103 12.16 6.12 -3.01
N MET C 104 11.58 6.97 -3.84
CA MET C 104 10.30 6.75 -4.48
C MET C 104 10.41 6.86 -5.99
N ARG C 105 9.32 6.61 -6.69
CA ARG C 105 9.27 6.69 -8.15
C ARG C 105 8.49 7.92 -8.57
N ASN C 106 8.95 8.58 -9.64
CA ASN C 106 8.25 9.71 -10.25
C ASN C 106 7.52 10.62 -9.25
N VAL C 107 8.26 11.47 -8.55
CA VAL C 107 7.69 12.53 -7.75
C VAL C 107 8.26 13.85 -8.23
N LYS C 108 7.40 14.79 -8.59
CA LYS C 108 7.82 16.09 -9.08
C LYS C 108 7.53 17.13 -8.01
N ILE C 109 8.57 17.84 -7.56
CA ILE C 109 8.41 18.89 -6.54
C ILE C 109 9.00 20.17 -7.10
N GLN C 110 8.28 21.27 -6.93
CA GLN C 110 8.78 22.58 -7.30
C GLN C 110 8.53 23.52 -6.12
N ALA C 111 9.31 24.60 -6.09
CA ALA C 111 9.13 25.59 -5.02
C ALA C 111 9.66 26.94 -5.48
N SER C 112 8.95 28.01 -5.14
CA SER C 112 9.38 29.34 -5.56
C SER C 112 8.57 30.37 -4.80
N THR C 113 9.15 31.56 -4.62
CA THR C 113 8.34 32.68 -4.16
C THR C 113 7.37 33.16 -5.23
N ASP C 114 7.56 32.76 -6.48
CA ASP C 114 6.74 33.20 -7.61
C ASP C 114 5.55 32.28 -7.76
N TYR C 115 4.33 32.84 -7.67
CA TYR C 115 3.14 31.99 -7.72
C TYR C 115 2.92 31.33 -9.07
N SER C 116 3.65 31.73 -10.11
CA SER C 116 3.54 31.06 -11.41
C SER C 116 3.90 29.57 -11.32
N ILE C 117 4.69 29.16 -10.33
CA ILE C 117 5.00 27.74 -10.19
CA ILE C 117 5.03 27.76 -10.10
C ILE C 117 3.80 26.92 -9.74
N SER C 118 2.74 27.55 -9.29
CA SER C 118 1.56 26.82 -8.87
C SER C 118 0.57 26.57 -10.02
N ALA C 119 0.89 27.00 -11.24
CA ALA C 119 -0.08 26.98 -12.33
C ALA C 119 -0.57 25.56 -12.59
N GLY C 120 -1.87 25.45 -12.84
CA GLY C 120 -2.48 24.17 -13.15
C GLY C 120 -2.71 23.25 -11.96
N SER C 121 -2.77 23.77 -10.74
CA SER C 121 -3.00 22.94 -9.57
C SER C 121 -4.46 22.55 -9.44
N LYS C 122 -4.69 21.28 -9.13
CA LYS C 122 -6.05 20.82 -8.86
C LYS C 122 -6.52 21.28 -7.49
N ILE C 123 -5.59 21.36 -6.54
CA ILE C 123 -5.89 21.79 -5.17
C ILE C 123 -4.80 22.74 -4.73
N CYS C 124 -5.18 23.81 -4.04
CA CYS C 124 -4.21 24.63 -3.34
C CYS C 124 -4.54 24.60 -1.86
N VAL C 125 -3.55 24.24 -1.04
CA VAL C 125 -3.68 24.11 0.41
C VAL C 125 -2.98 25.31 1.03
N VAL C 126 -3.72 26.12 1.79
CA VAL C 126 -3.19 27.37 2.32
C VAL C 126 -2.96 27.18 3.81
N THR C 127 -1.70 27.30 4.22
CA THR C 127 -1.33 27.16 5.62
C THR C 127 -0.68 28.41 6.16
N ALA C 128 -0.53 29.44 5.33
CA ALA C 128 0.11 30.67 5.75
C ALA C 128 -0.81 31.48 6.66
N GLY C 129 -0.19 32.17 7.61
CA GLY C 129 -0.91 33.11 8.43
C GLY C 129 0.00 33.68 9.50
N VAL C 130 -0.62 34.42 10.42
CA VAL C 130 0.12 35.05 11.51
C VAL C 130 -0.40 34.52 12.83
N ARG C 131 0.47 34.51 13.83
CA ARG C 131 0.10 34.15 15.20
C ARG C 131 -0.37 35.39 15.93
N GLN C 132 -1.36 35.21 16.80
CA GLN C 132 -1.93 36.36 17.49
C GLN C 132 -0.90 37.01 18.41
N ARG C 133 -0.93 38.33 18.48
CA ARG C 133 -0.11 39.07 19.41
C ARG C 133 -0.84 39.26 20.72
N GLU C 134 -0.09 39.35 21.81
CA GLU C 134 -0.68 39.52 23.12
C GLU C 134 -1.49 40.80 23.17
N GLY C 135 -2.74 40.69 23.61
CA GLY C 135 -3.59 41.87 23.69
C GLY C 135 -4.14 42.34 22.36
N GLU C 136 -3.95 41.58 21.29
CA GLU C 136 -4.58 41.88 20.01
C GLU C 136 -6.01 41.37 20.00
N SER C 137 -6.93 42.21 19.52
CA SER C 137 -8.31 41.80 19.46
C SER C 137 -8.50 40.68 18.43
N ARG C 138 -9.60 39.95 18.60
CA ARG C 138 -9.95 38.89 17.65
C ARG C 138 -10.13 39.46 16.24
N LEU C 139 -10.80 40.61 16.11
CA LEU C 139 -11.00 41.19 14.80
C LEU C 139 -9.68 41.61 14.17
N ASP C 140 -8.78 42.19 14.97
CA ASP C 140 -7.48 42.61 14.45
C ASP C 140 -6.65 41.42 14.00
N LEU C 141 -6.75 40.30 14.72
CA LEU C 141 -6.07 39.08 14.28
C LEU C 141 -6.65 38.55 12.98
N VAL C 142 -7.98 38.54 12.86
CA VAL C 142 -8.59 38.12 11.60
C VAL C 142 -8.19 39.07 10.47
N GLN C 143 -8.17 40.38 10.75
CA GLN C 143 -7.81 41.33 9.71
C GLN C 143 -6.37 41.13 9.26
N ARG C 144 -5.44 40.90 10.19
CA ARG C 144 -4.05 40.71 9.78
C ARG C 144 -3.90 39.46 8.91
N ASN C 145 -4.64 38.40 9.22
CA ASN C 145 -4.64 37.21 8.36
C ASN C 145 -5.30 37.50 7.02
N THR C 146 -6.40 38.25 7.04
CA THR C 146 -7.07 38.66 5.82
C THR C 146 -6.11 39.42 4.90
N ASP C 147 -5.28 40.30 5.48
CA ASP C 147 -4.37 41.08 4.66
C ASP C 147 -3.33 40.18 3.99
N VAL C 148 -2.91 39.11 4.67
CA VAL C 148 -2.03 38.13 4.04
C VAL C 148 -2.75 37.41 2.92
N LEU C 149 -4.01 37.01 3.16
CA LEU C 149 -4.75 36.26 2.15
C LEU C 149 -5.12 37.12 0.96
N LYS C 150 -5.28 38.45 1.15
CA LYS C 150 -5.51 39.33 0.01
C LYS C 150 -4.44 39.17 -1.05
N ILE C 151 -3.20 38.89 -0.61
CA ILE C 151 -2.09 38.73 -1.53
CA ILE C 151 -2.10 38.73 -1.54
C ILE C 151 -2.08 37.33 -2.13
N ILE C 152 -2.29 36.32 -1.29
CA ILE C 152 -2.17 34.92 -1.70
C ILE C 152 -3.33 34.49 -2.60
N ILE C 153 -4.57 34.67 -2.14
CA ILE C 153 -5.70 33.99 -2.77
C ILE C 153 -5.87 34.37 -4.25
N PRO C 154 -5.88 35.65 -4.63
CA PRO C 154 -6.08 35.95 -6.06
C PRO C 154 -4.95 35.41 -6.93
N GLN C 155 -3.74 35.30 -6.38
CA GLN C 155 -2.64 34.77 -7.17
C GLN C 155 -2.84 33.29 -7.44
N LEU C 156 -3.37 32.55 -6.46
CA LEU C 156 -3.63 31.13 -6.68
C LEU C 156 -4.64 30.94 -7.80
N VAL C 157 -5.74 31.68 -7.75
CA VAL C 157 -6.78 31.54 -8.76
C VAL C 157 -6.28 31.99 -10.11
N LYS C 158 -5.46 33.05 -10.16
CA LYS C 158 -4.97 33.53 -11.46
C LYS C 158 -4.20 32.44 -12.19
N HIS C 159 -3.41 31.65 -11.47
CA HIS C 159 -2.62 30.63 -12.11
C HIS C 159 -3.32 29.27 -12.20
N SER C 160 -4.37 29.04 -11.41
CA SER C 160 -5.11 27.78 -11.41
C SER C 160 -6.59 28.10 -11.30
N PRO C 161 -7.18 28.62 -12.38
CA PRO C 161 -8.58 29.07 -12.31
C PRO C 161 -9.55 27.98 -11.96
N ASP C 162 -9.22 26.70 -12.20
CA ASP C 162 -10.08 25.58 -11.91
C ASP C 162 -9.77 24.91 -10.57
N THR C 163 -8.99 25.56 -9.71
CA THR C 163 -8.52 24.88 -8.52
C THR C 163 -9.62 24.77 -7.44
N ILE C 164 -9.39 23.86 -6.51
CA ILE C 164 -10.14 23.79 -5.25
C ILE C 164 -9.21 24.30 -4.16
N LEU C 165 -9.73 25.12 -3.24
CA LEU C 165 -8.95 25.66 -2.13
C LEU C 165 -9.24 24.88 -0.85
N ILE C 166 -8.19 24.51 -0.12
CA ILE C 166 -8.35 23.96 1.23
C ILE C 166 -7.59 24.88 2.18
N ILE C 167 -8.31 25.51 3.09
CA ILE C 167 -7.75 26.49 4.00
C ILE C 167 -7.46 25.82 5.34
N ALA C 168 -6.23 25.92 5.82
CA ALA C 168 -5.86 25.34 7.09
C ALA C 168 -5.41 26.38 8.11
N SER C 169 -5.24 27.63 7.73
CA SER C 169 -4.78 28.66 8.64
C SER C 169 -5.80 28.88 9.75
N ASN C 170 -5.32 29.15 10.97
CA ASN C 170 -6.23 29.42 12.10
C ASN C 170 -6.50 30.91 12.23
N PRO C 171 -7.72 31.31 12.64
CA PRO C 171 -8.92 30.50 12.91
C PRO C 171 -9.56 30.05 11.60
N VAL C 172 -9.71 28.73 11.44
CA VAL C 172 -9.90 28.20 10.10
C VAL C 172 -11.29 28.52 9.54
N ASP C 173 -12.32 28.62 10.37
CA ASP C 173 -13.66 28.82 9.81
C ASP C 173 -13.78 30.19 9.17
N ILE C 174 -13.45 31.25 9.91
CA ILE C 174 -13.58 32.58 9.35
C ILE C 174 -12.55 32.80 8.23
N LEU C 175 -11.37 32.18 8.31
CA LEU C 175 -10.43 32.38 7.22
C LEU C 175 -10.80 31.58 5.97
N THR C 176 -11.64 30.54 6.12
CA THR C 176 -12.21 29.89 4.94
C THR C 176 -13.23 30.79 4.27
N TYR C 177 -14.10 31.43 5.07
CA TYR C 177 -14.99 32.45 4.51
C TYR C 177 -14.21 33.55 3.81
N VAL C 178 -13.16 34.05 4.46
CA VAL C 178 -12.38 35.14 3.86
C VAL C 178 -11.75 34.68 2.55
N SER C 179 -11.15 33.51 2.54
CA SER C 179 -10.52 33.02 1.32
C SER C 179 -11.56 32.83 0.22
N TRP C 180 -12.74 32.30 0.56
CA TRP C 180 -13.81 32.16 -0.41
C TRP C 180 -14.16 33.50 -1.03
N LYS C 181 -14.34 34.53 -0.19
CA LYS C 181 -14.75 35.82 -0.73
C LYS C 181 -13.67 36.38 -1.64
N LEU C 182 -12.41 36.25 -1.22
CA LEU C 182 -11.30 36.77 -1.99
C LEU C 182 -11.10 36.00 -3.28
N SER C 183 -11.48 34.71 -3.28
CA SER C 183 -11.20 33.85 -4.44
C SER C 183 -12.10 34.15 -5.63
N GLY C 184 -13.33 34.62 -5.38
CA GLY C 184 -14.33 34.70 -6.44
C GLY C 184 -14.86 33.36 -6.92
N LEU C 185 -14.39 32.25 -6.33
CA LEU C 185 -14.76 30.90 -6.74
C LEU C 185 -16.14 30.50 -6.23
N PRO C 186 -16.75 29.51 -6.87
CA PRO C 186 -18.02 28.98 -6.34
C PRO C 186 -17.87 28.42 -4.93
N LYS C 187 -18.98 28.47 -4.19
CA LYS C 187 -18.96 28.08 -2.78
C LYS C 187 -18.48 26.65 -2.58
N HIS C 188 -18.79 25.75 -3.52
CA HIS C 188 -18.44 24.35 -3.33
C HIS C 188 -16.96 24.07 -3.61
N ARG C 189 -16.19 25.07 -4.04
CA ARG C 189 -14.79 24.85 -4.35
C ARG C 189 -13.84 25.42 -3.29
N VAL C 190 -14.35 25.82 -2.14
CA VAL C 190 -13.53 26.38 -1.08
C VAL C 190 -13.94 25.74 0.24
N ILE C 191 -13.03 25.00 0.89
CA ILE C 191 -13.30 24.37 2.18
C ILE C 191 -12.16 24.69 3.13
N GLY C 192 -12.40 24.39 4.41
CA GLY C 192 -11.37 24.52 5.42
C GLY C 192 -11.15 23.21 6.15
N SER C 193 -9.96 23.03 6.75
CA SER C 193 -9.68 21.76 7.42
C SER C 193 -10.65 21.51 8.56
N GLY C 194 -11.15 22.58 9.21
CA GLY C 194 -12.31 22.48 10.10
C GLY C 194 -12.13 21.39 11.16
N THR C 195 -13.16 20.57 11.33
CA THR C 195 -13.19 19.56 12.37
C THR C 195 -12.86 18.16 11.86
N ASN C 196 -12.22 18.04 10.69
CA ASN C 196 -12.02 16.71 10.12
C ASN C 196 -11.12 15.88 11.02
N LEU C 197 -10.00 16.46 11.47
CA LEU C 197 -9.08 15.76 12.36
C LEU C 197 -9.73 15.44 13.69
N ASP C 198 -10.43 16.40 14.27
CA ASP C 198 -11.07 16.16 15.56
C ASP C 198 -12.13 15.07 15.46
N SER C 199 -12.91 15.06 14.36
CA SER C 199 -13.92 14.01 14.17
C SER C 199 -13.25 12.65 14.08
N ALA C 200 -12.13 12.57 13.37
CA ALA C 200 -11.47 11.28 13.22
C ALA C 200 -10.95 10.79 14.55
N ARG C 201 -10.38 11.69 15.36
CA ARG C 201 -9.80 11.28 16.64
C ARG C 201 -10.90 10.88 17.60
N PHE C 202 -12.00 11.62 17.55
CA PHE C 202 -13.23 11.27 18.27
C PHE C 202 -13.65 9.82 18.00
N ARG C 203 -13.82 9.46 16.71
CA ARG C 203 -14.22 8.09 16.40
C ARG C 203 -13.16 7.10 16.89
N TYR C 204 -11.89 7.46 16.75
CA TYR C 204 -10.85 6.56 17.24
C TYR C 204 -10.98 6.32 18.74
N LEU C 205 -11.28 7.37 19.50
CA LEU C 205 -11.35 7.20 20.94
C LEU C 205 -12.60 6.45 21.34
N LEU C 206 -13.71 6.66 20.63
CA LEU C 206 -14.89 5.84 20.88
C LEU C 206 -14.60 4.38 20.60
N SER C 207 -13.94 4.11 19.48
CA SER C 207 -13.55 2.75 19.12
C SER C 207 -12.68 2.13 20.20
N GLU C 208 -11.72 2.89 20.71
CA GLU C 208 -10.82 2.38 21.74
C GLU C 208 -11.56 2.03 23.03
N LYS C 209 -12.52 2.87 23.43
CA LYS C 209 -13.29 2.56 24.63
C LYS C 209 -14.12 1.30 24.45
N LEU C 210 -14.61 1.06 23.25
CA LEU C 210 -15.53 -0.06 23.01
C LEU C 210 -14.82 -1.34 22.61
N GLY C 211 -13.55 -1.28 22.24
CA GLY C 211 -12.88 -2.49 21.76
C GLY C 211 -13.39 -2.94 20.42
N ILE C 212 -13.79 -2.01 19.57
CA ILE C 212 -14.32 -2.27 18.24
C ILE C 212 -13.56 -1.39 17.27
N ALA C 213 -13.30 -1.92 16.07
CA ALA C 213 -12.49 -1.18 15.12
C ALA C 213 -13.10 0.18 14.78
N THR C 214 -12.25 1.18 14.57
CA THR C 214 -12.71 2.50 14.18
C THR C 214 -13.63 2.49 12.96
N THR C 215 -13.40 1.53 12.03
CA THR C 215 -14.25 1.43 10.83
C THR C 215 -15.69 1.06 11.15
N SER C 216 -16.01 0.67 12.37
CA SER C 216 -17.39 0.44 12.75
C SER C 216 -17.92 1.48 13.72
N CYS C 217 -17.15 2.52 14.04
CA CYS C 217 -17.59 3.55 14.98
C CYS C 217 -17.74 4.84 14.20
N HIS C 218 -18.96 5.37 14.16
CA HIS C 218 -19.32 6.42 13.22
C HIS C 218 -19.81 7.67 13.97
N GLY C 219 -19.48 8.83 13.46
CA GLY C 219 -19.94 10.06 14.07
C GLY C 219 -19.02 11.22 13.75
N TYR C 220 -19.54 12.43 13.98
CA TYR C 220 -18.85 13.64 13.58
C TYR C 220 -18.90 14.69 14.68
N ILE C 221 -17.91 15.57 14.63
CA ILE C 221 -17.93 16.85 15.34
C ILE C 221 -18.10 17.91 14.27
N ILE C 222 -19.03 18.83 14.48
CA ILE C 222 -19.35 19.85 13.49
C ILE C 222 -19.21 21.22 14.13
N GLY C 223 -19.44 22.26 13.33
CA GLY C 223 -19.53 23.60 13.88
C GLY C 223 -18.20 24.31 13.89
N GLU C 224 -18.00 25.17 14.89
CA GLU C 224 -16.79 25.97 14.96
C GLU C 224 -15.63 25.15 15.53
N HIS C 225 -14.51 25.10 14.79
CA HIS C 225 -13.34 24.37 15.25
C HIS C 225 -12.94 24.78 16.67
N GLY C 226 -12.71 23.80 17.52
CA GLY C 226 -12.23 24.09 18.86
C GLY C 226 -13.26 23.83 19.96
N ASP C 227 -13.16 24.62 21.03
CA ASP C 227 -13.96 24.38 22.24
C ASP C 227 -15.45 24.46 21.98
N SER C 228 -15.87 25.26 21.00
CA SER C 228 -17.29 25.44 20.72
C SER C 228 -17.84 24.43 19.72
N SER C 229 -17.01 23.51 19.22
CA SER C 229 -17.48 22.54 18.24
C SER C 229 -18.52 21.60 18.87
N VAL C 230 -19.29 20.93 18.02
CA VAL C 230 -20.52 20.24 18.45
C VAL C 230 -20.38 18.75 18.16
N PRO C 231 -20.23 17.89 19.18
CA PRO C 231 -20.27 16.44 18.90
C PRO C 231 -21.71 16.05 18.61
N VAL C 232 -21.94 15.45 17.44
CA VAL C 232 -23.33 15.12 17.04
C VAL C 232 -23.61 13.73 17.59
N TRP C 233 -23.83 13.70 18.91
CA TRP C 233 -24.12 12.44 19.60
C TRP C 233 -25.32 11.73 19.02
N SER C 234 -26.31 12.49 18.52
CA SER C 234 -27.52 11.93 17.93
C SER C 234 -27.26 11.08 16.69
N GLY C 235 -26.04 11.10 16.16
CA GLY C 235 -25.75 10.33 14.96
C GLY C 235 -24.65 9.33 15.19
N VAL C 236 -24.08 9.33 16.40
CA VAL C 236 -23.01 8.38 16.71
C VAL C 236 -23.61 6.98 16.78
N ASN C 237 -22.98 6.03 16.10
CA ASN C 237 -23.49 4.68 16.15
C ASN C 237 -22.33 3.71 15.94
N ILE C 238 -22.53 2.52 16.46
CA ILE C 238 -21.55 1.45 16.39
C ILE C 238 -22.20 0.35 15.56
N ALA C 239 -21.67 0.13 14.36
CA ALA C 239 -22.22 -0.86 13.43
C ALA C 239 -23.72 -0.66 13.23
N GLY C 240 -24.15 0.60 13.21
CA GLY C 240 -25.56 0.89 13.00
C GLY C 240 -26.39 0.96 14.26
N VAL C 241 -25.81 0.67 15.42
CA VAL C 241 -26.52 0.73 16.70
C VAL C 241 -26.20 2.06 17.37
N ARG C 242 -27.22 2.87 17.61
CA ARG C 242 -27.01 4.14 18.30
C ARG C 242 -26.60 3.88 19.75
N LEU C 243 -25.90 4.85 20.35
CA LEU C 243 -25.26 4.62 21.64
C LEU C 243 -26.27 4.25 22.73
N SER C 244 -27.43 4.90 22.72
CA SER C 244 -28.46 4.58 23.69
C SER C 244 -28.95 3.14 23.55
N ASP C 245 -28.68 2.50 22.42
CA ASP C 245 -29.17 1.16 22.17
C ASP C 245 -28.11 0.09 22.40
N LEU C 246 -26.87 0.48 22.67
CA LEU C 246 -25.77 -0.48 22.73
C LEU C 246 -25.97 -1.49 23.85
N ASN C 247 -25.89 -2.79 23.49
CA ASN C 247 -25.91 -3.90 24.45
C ASN C 247 -24.73 -4.81 24.11
N GLN C 248 -23.53 -4.40 24.51
CA GLN C 248 -22.31 -5.12 24.16
C GLN C 248 -21.53 -5.48 25.42
N LYS C 249 -20.47 -6.27 25.23
CA LYS C 249 -19.56 -6.57 26.32
C LYS C 249 -18.57 -5.41 26.52
N ASN C 258 -20.80 11.06 30.78
CA ASN C 258 -19.72 10.08 30.64
C ASN C 258 -19.02 10.27 29.30
N TRP C 259 -19.71 9.85 28.22
CA TRP C 259 -19.16 9.95 26.87
C TRP C 259 -18.72 11.36 26.53
N LYS C 260 -19.39 12.37 27.11
CA LYS C 260 -19.13 13.76 26.75
C LYS C 260 -17.68 14.13 26.97
N GLU C 261 -17.03 13.51 27.96
CA GLU C 261 -15.60 13.74 28.15
C GLU C 261 -14.80 13.45 26.90
N THR C 262 -15.25 12.51 26.05
CA THR C 262 -14.48 12.20 24.85
C THR C 262 -14.35 13.42 23.94
N HIS C 263 -15.43 14.18 23.77
CA HIS C 263 -15.34 15.39 22.96
C HIS C 263 -14.42 16.42 23.62
N THR C 264 -14.62 16.66 24.91
CA THR C 264 -13.77 17.59 25.63
C THR C 264 -12.31 17.20 25.51
N MET C 265 -12.02 15.91 25.68
CA MET C 265 -10.66 15.39 25.54
C MET C 265 -10.08 15.73 24.17
N VAL C 266 -10.86 15.55 23.11
CA VAL C 266 -10.33 15.75 21.76
C VAL C 266 -10.00 17.22 21.53
N VAL C 267 -10.92 18.11 21.88
CA VAL C 267 -10.58 19.53 21.76
C VAL C 267 -9.62 19.99 22.88
N LYS C 268 -9.53 19.29 24.01
CA LYS C 268 -8.57 19.71 25.05
C LYS C 268 -7.13 19.32 24.69
N SER C 269 -6.95 18.13 24.12
CA SER C 269 -5.62 17.68 23.70
C SER C 269 -5.05 18.56 22.59
N ALA C 270 -5.91 19.06 21.70
CA ALA C 270 -5.43 19.82 20.55
C ALA C 270 -4.69 21.08 20.96
N TYR C 271 -5.19 21.79 21.99
CA TYR C 271 -4.58 23.03 22.44
C TYR C 271 -3.38 22.79 23.35
N GLU C 272 -3.39 21.65 24.05
CA GLU C 272 -2.27 21.28 24.90
C GLU C 272 -1.01 21.05 24.08
N VAL C 273 -1.15 20.54 22.86
CA VAL C 273 0.01 20.31 21.99
C VAL C 273 0.76 21.61 21.74
N ILE C 274 0.04 22.68 21.38
CA ILE C 274 0.64 23.99 21.11
C ILE C 274 1.41 24.50 22.33
N LYS C 275 0.86 24.33 23.53
CA LYS C 275 1.56 24.79 24.72
C LYS C 275 2.85 23.99 24.93
N LEU C 276 2.85 22.73 24.52
CA LEU C 276 3.97 21.85 24.86
C LEU C 276 5.10 21.91 23.84
N LYS C 277 4.78 21.83 22.55
CA LYS C 277 5.80 21.87 21.52
C LYS C 277 5.73 23.14 20.66
N GLY C 278 4.82 24.06 20.96
CA GLY C 278 4.81 25.35 20.30
C GLY C 278 3.89 25.46 19.10
N TYR C 279 3.43 24.35 18.55
CA TYR C 279 2.65 24.31 17.32
C TYR C 279 2.14 22.89 17.19
N THR C 280 1.21 22.67 16.25
CA THR C 280 0.86 21.33 15.80
CA THR C 280 0.88 21.32 15.81
C THR C 280 1.30 21.16 14.36
N SER C 281 1.63 19.95 13.99
CA SER C 281 2.07 19.74 12.62
C SER C 281 1.60 18.38 12.09
N TRP C 282 1.98 17.30 12.76
CA TRP C 282 1.77 15.96 12.20
C TRP C 282 0.28 15.67 11.99
N ALA C 283 -0.56 15.97 12.98
CA ALA C 283 -1.95 15.54 12.90
C ALA C 283 -2.70 16.32 11.82
N ILE C 284 -2.52 17.64 11.77
CA ILE C 284 -3.17 18.42 10.72
C ILE C 284 -2.58 18.07 9.35
N GLY C 285 -1.27 17.81 9.30
CA GLY C 285 -0.68 17.34 8.05
C GLY C 285 -1.37 16.10 7.51
N LEU C 286 -1.62 15.13 8.39
CA LEU C 286 -2.29 13.90 7.97
C LEU C 286 -3.74 14.18 7.55
N SER C 287 -4.40 15.07 8.27
CA SER C 287 -5.78 15.43 7.94
C SER C 287 -5.85 16.08 6.56
N LEU C 288 -4.96 17.05 6.29
CA LEU C 288 -4.91 17.68 4.96
C LEU C 288 -4.62 16.65 3.88
N SER C 289 -3.71 15.71 4.15
CA SER C 289 -3.42 14.68 3.16
C SER C 289 -4.67 13.85 2.86
N GLN C 290 -5.45 13.50 3.90
CA GLN C 290 -6.66 12.74 3.66
C GLN C 290 -7.65 13.53 2.81
N LEU C 291 -7.80 14.83 3.09
CA LEU C 291 -8.76 15.65 2.32
C LEU C 291 -8.33 15.76 0.87
N ALA C 292 -7.03 15.97 0.65
CA ALA C 292 -6.52 15.99 -0.72
C ALA C 292 -6.82 14.68 -1.44
N ARG C 293 -6.59 13.55 -0.78
CA ARG C 293 -6.82 12.26 -1.43
C ARG C 293 -8.27 12.09 -1.84
N ALA C 294 -9.20 12.50 -0.97
CA ALA C 294 -10.62 12.35 -1.27
C ALA C 294 -10.99 13.14 -2.52
N ILE C 295 -10.48 14.36 -2.63
CA ILE C 295 -10.78 15.18 -3.79
C ILE C 295 -10.09 14.62 -5.04
N LEU C 296 -8.78 14.35 -4.97
CA LEU C 296 -8.04 13.93 -6.17
C LEU C 296 -8.56 12.59 -6.69
N SER C 297 -8.85 11.66 -5.79
CA SER C 297 -9.32 10.34 -6.17
C SER C 297 -10.84 10.29 -6.45
N ASN C 298 -11.53 11.43 -6.39
CA ASN C 298 -12.98 11.49 -6.60
C ASN C 298 -13.70 10.46 -5.74
N ALA C 299 -13.39 10.46 -4.44
CA ALA C 299 -13.87 9.38 -3.55
C ALA C 299 -15.35 9.52 -3.22
N ASN C 300 -15.86 10.74 -3.19
CA ASN C 300 -17.18 11.04 -2.60
C ASN C 300 -17.26 10.55 -1.17
N SER C 301 -16.12 10.57 -0.49
CA SER C 301 -16.11 10.23 0.92
C SER C 301 -16.52 11.44 1.74
N VAL C 302 -16.94 11.18 2.98
CA VAL C 302 -17.52 12.20 3.82
C VAL C 302 -16.51 12.66 4.85
N HIS C 303 -16.32 13.99 4.96
CA HIS C 303 -15.33 14.63 5.82
C HIS C 303 -15.95 15.88 6.42
N ALA C 304 -15.82 16.06 7.74
CA ALA C 304 -16.31 17.29 8.35
C ALA C 304 -15.30 18.39 8.08
N VAL C 305 -15.69 19.38 7.27
CA VAL C 305 -14.78 20.44 6.83
C VAL C 305 -15.56 21.74 6.87
N SER C 306 -14.83 22.84 7.04
CA SER C 306 -15.46 24.15 7.01
C SER C 306 -16.09 24.40 5.64
N THR C 307 -17.37 24.75 5.63
CA THR C 307 -18.08 24.83 4.36
C THR C 307 -19.15 25.90 4.44
N TYR C 308 -19.59 26.35 3.28
CA TYR C 308 -20.58 27.41 3.16
C TYR C 308 -21.89 26.97 3.84
N LEU C 309 -22.28 27.63 4.92
CA LEU C 309 -23.34 27.13 5.78
C LEU C 309 -24.71 27.72 5.50
N LYS C 310 -24.80 28.94 4.96
CA LYS C 310 -26.09 29.62 4.83
C LYS C 310 -27.08 28.76 4.05
N GLY C 311 -28.28 28.59 4.59
CA GLY C 311 -29.26 27.74 3.97
C GLY C 311 -29.36 26.33 4.53
N GLU C 312 -28.42 25.90 5.36
CA GLU C 312 -28.55 24.64 6.07
C GLU C 312 -28.90 24.93 7.53
N HIS C 313 -29.64 24.01 8.13
CA HIS C 313 -29.91 24.06 9.57
C HIS C 313 -30.54 25.38 10.01
N ASP C 314 -31.34 25.99 9.11
CA ASP C 314 -32.03 27.26 9.30
C ASP C 314 -31.07 28.43 9.56
N ILE C 315 -29.82 28.29 9.15
CA ILE C 315 -28.80 29.32 9.32
CA ILE C 315 -28.82 29.33 9.34
C ILE C 315 -28.93 30.34 8.20
N ASN C 316 -29.10 31.60 8.55
CA ASN C 316 -29.25 32.68 7.58
CA ASN C 316 -29.25 32.68 7.58
C ASN C 316 -28.03 33.57 7.47
N ASP C 317 -27.02 33.36 8.31
CA ASP C 317 -25.78 34.13 8.26
C ASP C 317 -24.85 33.49 7.24
N GLU C 318 -24.21 34.33 6.43
CA GLU C 318 -23.29 33.80 5.41
C GLU C 318 -21.95 33.54 6.08
N VAL C 319 -21.81 32.36 6.67
CA VAL C 319 -20.59 31.98 7.37
C VAL C 319 -20.14 30.62 6.87
N PHE C 320 -18.94 30.23 7.27
CA PHE C 320 -18.43 28.87 7.07
C PHE C 320 -18.26 28.22 8.44
N LEU C 321 -18.81 27.01 8.60
CA LEU C 321 -18.55 26.16 9.77
C LEU C 321 -18.42 24.74 9.25
N SER C 322 -17.93 23.82 10.08
CA SER C 322 -17.79 22.43 9.64
C SER C 322 -19.13 21.70 9.61
N LEU C 323 -19.37 20.97 8.52
CA LEU C 323 -20.42 19.98 8.39
C LEU C 323 -19.81 18.80 7.66
N PRO C 324 -20.36 17.59 7.81
CA PRO C 324 -19.86 16.48 6.99
C PRO C 324 -20.20 16.75 5.54
N CYS C 325 -19.18 16.74 4.69
CA CYS C 325 -19.33 17.05 3.26
C CYS C 325 -18.93 15.84 2.44
N VAL C 326 -19.65 15.60 1.35
CA VAL C 326 -19.22 14.62 0.35
C VAL C 326 -18.18 15.30 -0.53
N LEU C 327 -16.97 14.77 -0.55
CA LEU C 327 -15.87 15.43 -1.25
C LEU C 327 -15.46 14.61 -2.46
N GLY C 328 -15.30 15.27 -3.60
CA GLY C 328 -14.85 14.63 -4.82
C GLY C 328 -14.12 15.59 -5.72
N ARG C 329 -13.95 15.24 -7.00
CA ARG C 329 -13.11 16.04 -7.88
C ARG C 329 -13.67 17.44 -8.10
N SER C 330 -14.98 17.63 -7.94
CA SER C 330 -15.48 18.98 -8.12
C SER C 330 -15.47 19.78 -6.82
N GLY C 331 -15.08 19.16 -5.71
CA GLY C 331 -15.07 19.85 -4.43
C GLY C 331 -16.21 19.33 -3.55
N VAL C 332 -17.03 20.22 -2.99
CA VAL C 332 -18.15 19.75 -2.16
C VAL C 332 -19.28 19.34 -3.08
N CYS C 333 -19.53 18.02 -3.18
CA CYS C 333 -20.65 17.51 -3.97
CA CYS C 333 -20.65 17.51 -3.97
C CYS C 333 -21.98 17.72 -3.26
N ASP C 334 -22.00 17.64 -1.94
CA ASP C 334 -23.22 17.82 -1.17
C ASP C 334 -22.78 17.88 0.29
N VAL C 335 -23.64 18.37 1.15
CA VAL C 335 -23.41 18.34 2.58
CA VAL C 335 -23.44 18.36 2.59
C VAL C 335 -24.37 17.32 3.18
N ILE C 336 -23.87 16.53 4.13
CA ILE C 336 -24.73 15.57 4.82
C ILE C 336 -25.61 16.36 5.79
N ARG C 337 -26.92 16.22 5.63
CA ARG C 337 -27.87 17.01 6.43
C ARG C 337 -28.33 16.15 7.59
N GLN C 338 -27.69 16.35 8.73
CA GLN C 338 -27.93 15.59 9.95
C GLN C 338 -29.18 16.11 10.66
N PRO C 339 -30.07 15.23 11.09
CA PRO C 339 -31.18 15.69 11.91
C PRO C 339 -30.71 16.00 13.32
N LEU C 340 -30.28 17.24 13.52
CA LEU C 340 -29.72 17.69 14.78
C LEU C 340 -30.79 17.84 15.85
N THR C 341 -30.38 17.65 17.11
CA THR C 341 -31.29 18.06 18.18
C THR C 341 -31.33 19.58 18.28
N GLN C 342 -32.33 20.08 18.99
CA GLN C 342 -32.40 21.53 19.20
C GLN C 342 -31.18 22.05 19.94
N THR C 343 -30.60 21.25 20.83
CA THR C 343 -29.41 21.68 21.54
C THR C 343 -28.22 21.77 20.59
N GLU C 344 -28.03 20.75 19.75
CA GLU C 344 -26.97 20.79 18.76
C GLU C 344 -27.17 21.96 17.78
N ARG C 345 -28.40 22.15 17.32
CA ARG C 345 -28.66 23.21 16.34
C ARG C 345 -28.43 24.60 16.94
N SER C 346 -28.85 24.80 18.19
CA SER C 346 -28.69 26.11 18.80
CA SER C 346 -28.70 26.11 18.82
C SER C 346 -27.22 26.51 18.95
N GLN C 347 -26.37 25.54 19.28
CA GLN C 347 -24.94 25.84 19.35
C GLN C 347 -24.40 26.27 17.99
N LEU C 348 -24.81 25.58 16.93
CA LEU C 348 -24.41 25.98 15.60
C LEU C 348 -24.86 27.41 15.31
N HIS C 349 -26.13 27.72 15.60
CA HIS C 349 -26.64 29.06 15.35
C HIS C 349 -25.88 30.11 16.14
N GLN C 350 -25.54 29.80 17.39
CA GLN C 350 -24.79 30.78 18.18
C GLN C 350 -23.41 31.02 17.58
N SER C 351 -22.72 29.94 17.19
CA SER C 351 -21.42 30.12 16.56
C SER C 351 -21.54 30.95 15.29
N ALA C 352 -22.59 30.68 14.48
CA ALA C 352 -22.71 31.41 13.22
C ALA C 352 -22.98 32.89 13.45
N ASP C 353 -23.83 33.21 14.45
CA ASP C 353 -24.15 34.59 14.76
C ASP C 353 -22.90 35.37 15.19
N LEU C 354 -22.11 34.79 16.10
CA LEU C 354 -20.92 35.48 16.56
C LEU C 354 -19.89 35.62 15.44
N MET C 355 -19.77 34.59 14.60
CA MET C 355 -18.85 34.67 13.49
C MET C 355 -19.31 35.70 12.46
N ALA C 356 -20.61 35.77 12.21
CA ALA C 356 -21.11 36.79 11.28
C ALA C 356 -20.77 38.19 11.78
N LYS C 357 -20.86 38.42 13.10
CA LYS C 357 -20.57 39.74 13.64
C LYS C 357 -19.09 40.09 13.49
N VAL C 358 -18.19 39.12 13.67
CA VAL C 358 -16.79 39.41 13.40
C VAL C 358 -16.55 39.69 11.92
N GLN C 359 -17.13 38.87 11.04
CA GLN C 359 -16.97 39.07 9.60
C GLN C 359 -17.40 40.46 9.15
N ALA C 360 -18.47 40.99 9.76
CA ALA C 360 -18.96 42.30 9.37
C ALA C 360 -17.92 43.38 9.63
N GLY C 361 -16.93 43.11 10.48
CA GLY C 361 -15.89 44.07 10.77
C GLY C 361 -14.64 43.96 9.90
N ILE C 362 -14.58 42.96 9.03
CA ILE C 362 -13.41 42.76 8.18
C ILE C 362 -13.41 43.80 7.07
N LYS C 363 -12.25 44.41 6.83
CA LYS C 363 -12.09 45.39 5.77
C LYS C 363 -11.55 44.67 4.54
N PHE C 364 -12.41 44.54 3.52
CA PHE C 364 -12.00 43.95 2.26
C PHE C 364 -11.54 45.05 1.30
N GLY D 52 -5.77 8.20 -19.20
CA GLY D 52 -6.62 7.02 -19.23
C GLY D 52 -5.89 5.74 -18.90
N ASN D 53 -6.57 4.83 -18.18
CA ASN D 53 -5.94 3.59 -17.74
C ASN D 53 -6.76 2.35 -18.11
N LYS D 54 -7.62 2.43 -19.12
CA LYS D 54 -8.45 1.29 -19.48
C LYS D 54 -7.60 0.17 -20.09
N VAL D 55 -7.79 -1.05 -19.57
CA VAL D 55 -7.13 -2.24 -20.09
C VAL D 55 -8.23 -3.19 -20.54
N THR D 56 -8.10 -3.70 -21.76
CA THR D 56 -8.96 -4.78 -22.25
C THR D 56 -8.18 -6.08 -22.16
N VAL D 57 -8.82 -7.13 -21.65
CA VAL D 57 -8.24 -8.47 -21.66
C VAL D 57 -9.09 -9.32 -22.59
N VAL D 58 -8.46 -9.88 -23.63
CA VAL D 58 -9.13 -10.70 -24.62
C VAL D 58 -8.92 -12.16 -24.23
N GLY D 59 -10.01 -12.86 -23.98
CA GLY D 59 -9.90 -14.21 -23.46
C GLY D 59 -10.25 -14.26 -21.99
N VAL D 60 -11.31 -14.99 -21.64
CA VAL D 60 -11.71 -15.11 -20.23
C VAL D 60 -11.46 -16.53 -19.75
N GLY D 61 -10.43 -17.17 -20.28
CA GLY D 61 -9.96 -18.43 -19.73
C GLY D 61 -9.12 -18.20 -18.49
N GLN D 62 -8.37 -19.24 -18.10
CA GLN D 62 -7.63 -19.22 -16.84
C GLN D 62 -6.61 -18.08 -16.79
N VAL D 63 -5.91 -17.86 -17.89
CA VAL D 63 -4.89 -16.82 -17.90
C VAL D 63 -5.53 -15.44 -17.88
N GLY D 64 -6.56 -15.25 -18.71
CA GLY D 64 -7.20 -13.93 -18.78
C GLY D 64 -7.82 -13.52 -17.46
N MET D 65 -8.50 -14.46 -16.79
CA MET D 65 -9.14 -14.10 -15.52
C MET D 65 -8.10 -13.84 -14.43
N ALA D 66 -6.98 -14.59 -14.45
CA ALA D 66 -5.92 -14.37 -13.47
C ALA D 66 -5.25 -13.02 -13.70
N ALA D 67 -5.13 -12.61 -14.96
CA ALA D 67 -4.58 -11.31 -15.25
C ALA D 67 -5.51 -10.19 -14.77
N VAL D 68 -6.81 -10.32 -15.06
CA VAL D 68 -7.77 -9.32 -14.62
C VAL D 68 -7.78 -9.21 -13.10
N PHE D 69 -7.89 -10.35 -12.43
CA PHE D 69 -7.97 -10.34 -10.97
C PHE D 69 -6.72 -9.75 -10.36
N SER D 70 -5.55 -10.12 -10.88
CA SER D 70 -4.31 -9.50 -10.39
C SER D 70 -4.36 -8.00 -10.55
N MET D 71 -4.78 -7.54 -11.74
CA MET D 71 -4.75 -6.10 -12.01
C MET D 71 -5.72 -5.34 -11.11
N ILE D 72 -6.92 -5.86 -10.90
CA ILE D 72 -7.88 -5.08 -10.11
C ILE D 72 -7.48 -5.08 -8.64
N THR D 73 -7.06 -6.22 -8.10
CA THR D 73 -6.75 -6.27 -6.68
C THR D 73 -5.41 -5.59 -6.36
N GLN D 74 -4.41 -5.73 -7.23
CA GLN D 74 -3.13 -5.05 -7.02
C GLN D 74 -3.19 -3.57 -7.40
N GLY D 75 -4.36 -3.06 -7.75
CA GLY D 75 -4.53 -1.64 -8.01
C GLY D 75 -3.93 -1.13 -9.30
N VAL D 76 -3.76 -1.99 -10.30
CA VAL D 76 -3.09 -1.58 -11.54
C VAL D 76 -4.00 -0.67 -12.36
N THR D 77 -5.28 -1.00 -12.41
CA THR D 77 -6.24 -0.16 -13.10
C THR D 77 -7.58 -0.37 -12.44
N ASN D 78 -8.44 0.63 -12.59
CA ASN D 78 -9.82 0.56 -12.13
C ASN D 78 -10.81 0.62 -13.29
N ASN D 79 -10.33 0.31 -14.51
CA ASN D 79 -11.16 0.38 -15.71
C ASN D 79 -10.77 -0.82 -16.58
N ILE D 80 -11.60 -1.87 -16.55
CA ILE D 80 -11.27 -3.14 -17.20
C ILE D 80 -12.40 -3.51 -18.15
N ALA D 81 -12.04 -4.03 -19.32
CA ALA D 81 -13.02 -4.63 -20.22
C ALA D 81 -12.54 -6.02 -20.58
N MET D 82 -13.48 -6.95 -20.73
CA MET D 82 -13.17 -8.35 -21.02
C MET D 82 -13.95 -8.75 -22.27
N VAL D 83 -13.26 -9.34 -23.24
CA VAL D 83 -13.89 -9.76 -24.49
C VAL D 83 -13.64 -11.25 -24.65
N ASP D 84 -14.70 -11.99 -24.96
CA ASP D 84 -14.54 -13.36 -25.40
C ASP D 84 -15.74 -13.74 -26.25
N VAL D 85 -15.79 -15.00 -26.68
CA VAL D 85 -16.84 -15.44 -27.59
C VAL D 85 -18.03 -16.07 -26.88
N MET D 86 -17.88 -16.53 -25.64
CA MET D 86 -18.96 -17.17 -24.91
C MET D 86 -19.62 -16.13 -23.99
N ALA D 87 -20.85 -15.74 -24.33
CA ALA D 87 -21.51 -14.63 -23.66
C ALA D 87 -21.85 -14.95 -22.21
N ASP D 88 -22.42 -16.14 -21.95
CA ASP D 88 -22.83 -16.47 -20.59
C ASP D 88 -21.62 -16.55 -19.64
N LYS D 89 -20.54 -17.20 -20.08
CA LYS D 89 -19.30 -17.17 -19.32
C LYS D 89 -18.84 -15.73 -19.11
N LEU D 90 -18.95 -14.90 -20.15
CA LEU D 90 -18.51 -13.51 -20.05
C LEU D 90 -19.26 -12.75 -18.97
N LYS D 91 -20.59 -12.76 -19.04
CA LYS D 91 -21.39 -12.05 -18.04
C LYS D 91 -21.16 -12.65 -16.65
N GLY D 92 -20.99 -13.98 -16.58
CA GLY D 92 -20.73 -14.61 -15.28
C GLY D 92 -19.48 -14.07 -14.61
N GLU D 93 -18.38 -14.01 -15.36
CA GLU D 93 -17.14 -13.46 -14.81
C GLU D 93 -17.31 -11.98 -14.49
N LEU D 94 -17.91 -11.22 -15.40
CA LEU D 94 -18.19 -9.81 -15.16
C LEU D 94 -18.85 -9.64 -13.80
N MET D 95 -19.93 -10.37 -13.57
CA MET D 95 -20.72 -10.16 -12.38
C MET D 95 -20.00 -10.64 -11.13
N ASP D 96 -19.24 -11.74 -11.25
CA ASP D 96 -18.46 -12.21 -10.11
C ASP D 96 -17.44 -11.17 -9.68
N LEU D 97 -16.77 -10.54 -10.64
CA LEU D 97 -15.80 -9.50 -10.32
C LEU D 97 -16.48 -8.26 -9.76
N GLN D 98 -17.62 -7.86 -10.35
CA GLN D 98 -18.34 -6.69 -9.85
C GLN D 98 -18.77 -6.86 -8.39
N HIS D 99 -19.21 -8.06 -8.03
CA HIS D 99 -19.61 -8.31 -6.65
C HIS D 99 -18.42 -8.27 -5.70
N GLY D 100 -17.23 -8.69 -6.17
CA GLY D 100 -16.03 -8.53 -5.39
C GLY D 100 -15.56 -7.09 -5.28
N SER D 101 -15.82 -6.29 -6.32
CA SER D 101 -15.47 -4.86 -6.26
C SER D 101 -16.22 -4.15 -5.13
N ALA D 102 -17.27 -4.77 -4.60
CA ALA D 102 -17.92 -4.23 -3.41
C ALA D 102 -16.94 -3.97 -2.27
N PHE D 103 -15.79 -4.66 -2.26
CA PHE D 103 -14.78 -4.46 -1.23
C PHE D 103 -13.77 -3.37 -1.61
N MET D 104 -13.90 -2.76 -2.78
CA MET D 104 -12.93 -1.82 -3.31
C MET D 104 -13.62 -0.52 -3.72
N ARG D 105 -12.80 0.49 -4.00
CA ARG D 105 -13.29 1.81 -4.36
C ARG D 105 -13.31 1.97 -5.89
N ASN D 106 -14.38 2.60 -6.39
CA ASN D 106 -14.63 2.91 -7.80
C ASN D 106 -13.81 2.07 -8.79
N VAL D 107 -14.32 0.89 -9.13
CA VAL D 107 -13.73 0.02 -10.14
C VAL D 107 -14.80 -0.22 -11.21
N LYS D 108 -14.45 0.00 -12.47
CA LYS D 108 -15.38 -0.17 -13.58
C LYS D 108 -14.99 -1.42 -14.34
N ILE D 109 -15.92 -2.37 -14.47
CA ILE D 109 -15.67 -3.58 -15.23
C ILE D 109 -16.76 -3.72 -16.28
N GLN D 110 -16.36 -4.07 -17.50
CA GLN D 110 -17.29 -4.38 -18.57
C GLN D 110 -16.88 -5.69 -19.20
N ALA D 111 -17.83 -6.34 -19.87
CA ALA D 111 -17.57 -7.62 -20.50
C ALA D 111 -18.62 -7.84 -21.57
N SER D 112 -18.18 -8.28 -22.75
CA SER D 112 -19.07 -8.46 -23.90
C SER D 112 -18.37 -9.28 -24.96
N THR D 113 -19.17 -9.99 -25.76
CA THR D 113 -18.65 -10.59 -26.98
C THR D 113 -18.42 -9.54 -28.06
N ASP D 114 -18.99 -8.35 -27.91
CA ASP D 114 -18.83 -7.27 -28.87
C ASP D 114 -17.57 -6.50 -28.53
N TYR D 115 -16.65 -6.40 -29.49
CA TYR D 115 -15.38 -5.70 -29.24
C TYR D 115 -15.57 -4.22 -28.96
N SER D 116 -16.76 -3.67 -29.23
CA SER D 116 -16.97 -2.24 -29.02
C SER D 116 -16.73 -1.84 -27.57
N ILE D 117 -16.90 -2.76 -26.61
CA ILE D 117 -16.67 -2.41 -25.22
C ILE D 117 -15.19 -2.22 -24.90
N SER D 118 -14.30 -2.57 -25.82
CA SER D 118 -12.89 -2.32 -25.66
C SER D 118 -12.48 -0.93 -26.10
N ALA D 119 -13.43 -0.12 -26.60
CA ALA D 119 -13.09 1.15 -27.21
C ALA D 119 -12.27 2.01 -26.26
N GLY D 120 -11.20 2.60 -26.80
CA GLY D 120 -10.39 3.52 -26.01
C GLY D 120 -9.50 2.86 -24.97
N SER D 121 -9.06 1.63 -25.20
CA SER D 121 -8.17 0.98 -24.25
C SER D 121 -6.75 1.47 -24.42
N LYS D 122 -6.06 1.70 -23.30
CA LYS D 122 -4.65 2.03 -23.36
C LYS D 122 -3.81 0.79 -23.65
N ILE D 123 -4.22 -0.36 -23.13
CA ILE D 123 -3.54 -1.63 -23.31
C ILE D 123 -4.58 -2.69 -23.64
N CYS D 124 -4.28 -3.55 -24.61
CA CYS D 124 -5.08 -4.74 -24.88
C CYS D 124 -4.18 -5.93 -24.63
N VAL D 125 -4.58 -6.79 -23.70
CA VAL D 125 -3.83 -8.00 -23.36
C VAL D 125 -4.54 -9.17 -24.03
N VAL D 126 -3.82 -9.93 -24.84
CA VAL D 126 -4.42 -10.97 -25.65
C VAL D 126 -3.99 -12.32 -25.10
N THR D 127 -4.93 -13.05 -24.50
CA THR D 127 -4.64 -14.35 -23.94
C THR D 127 -5.33 -15.47 -24.70
N ALA D 128 -6.21 -15.14 -25.65
CA ALA D 128 -6.92 -16.15 -26.39
C ALA D 128 -5.96 -16.89 -27.31
N GLY D 129 -6.09 -18.21 -27.34
CA GLY D 129 -5.29 -19.05 -28.22
C GLY D 129 -5.99 -20.36 -28.46
N VAL D 130 -5.30 -21.31 -29.07
CA VAL D 130 -5.83 -22.67 -29.23
C VAL D 130 -4.79 -23.65 -28.70
N ARG D 131 -5.28 -24.79 -28.21
CA ARG D 131 -4.42 -25.80 -27.59
C ARG D 131 -3.85 -26.77 -28.61
N SER D 137 1.36 -30.36 -36.07
CA SER D 137 2.69 -29.78 -36.23
C SER D 137 2.75 -28.37 -35.67
N ARG D 138 3.96 -27.89 -35.37
CA ARG D 138 4.10 -26.57 -34.77
C ARG D 138 3.69 -25.46 -35.74
N LEU D 139 3.88 -25.67 -37.05
CA LEU D 139 3.43 -24.68 -38.01
C LEU D 139 1.91 -24.62 -38.06
N ASP D 140 1.26 -25.78 -37.99
CA ASP D 140 -0.21 -25.81 -37.98
C ASP D 140 -0.76 -25.18 -36.70
N LEU D 141 -0.11 -25.42 -35.57
CA LEU D 141 -0.51 -24.75 -34.33
C LEU D 141 -0.34 -23.23 -34.44
N VAL D 142 0.75 -22.78 -35.06
CA VAL D 142 0.94 -21.36 -35.28
C VAL D 142 -0.11 -20.83 -36.25
N GLN D 143 -0.45 -21.62 -37.27
CA GLN D 143 -1.44 -21.20 -38.24
C GLN D 143 -2.83 -21.07 -37.59
N ARG D 144 -3.20 -22.03 -36.75
CA ARG D 144 -4.53 -21.98 -36.14
C ARG D 144 -4.66 -20.80 -35.19
N ASN D 145 -3.57 -20.46 -34.48
CA ASN D 145 -3.57 -19.25 -33.65
C ASN D 145 -3.59 -17.99 -34.51
N THR D 146 -2.89 -18.00 -35.65
CA THR D 146 -2.92 -16.87 -36.55
C THR D 146 -4.32 -16.59 -37.05
N ASP D 147 -5.08 -17.64 -37.39
CA ASP D 147 -6.45 -17.47 -37.84
C ASP D 147 -7.32 -16.83 -36.75
N VAL D 148 -7.16 -17.30 -35.51
CA VAL D 148 -7.84 -16.68 -34.38
C VAL D 148 -7.46 -15.21 -34.30
N LEU D 149 -6.17 -14.91 -34.40
CA LEU D 149 -5.70 -13.53 -34.24
C LEU D 149 -6.11 -12.66 -35.43
N LYS D 150 -6.30 -13.26 -36.61
CA LYS D 150 -6.78 -12.52 -37.77
C LYS D 150 -8.11 -11.84 -37.49
N ILE D 151 -8.93 -12.44 -36.63
CA ILE D 151 -10.23 -11.89 -36.27
C ILE D 151 -10.11 -10.89 -35.13
N ILE D 152 -9.26 -11.21 -34.16
CA ILE D 152 -9.15 -10.43 -32.92
C ILE D 152 -8.46 -9.10 -33.18
N ILE D 153 -7.27 -9.14 -33.79
CA ILE D 153 -6.38 -7.98 -33.78
C ILE D 153 -6.98 -6.78 -34.51
N PRO D 154 -7.51 -6.91 -35.75
CA PRO D 154 -8.06 -5.73 -36.42
C PRO D 154 -9.17 -5.06 -35.66
N GLN D 155 -9.99 -5.84 -34.93
CA GLN D 155 -11.05 -5.25 -34.14
C GLN D 155 -10.50 -4.48 -32.96
N LEU D 156 -9.46 -4.99 -32.31
CA LEU D 156 -8.86 -4.26 -31.19
C LEU D 156 -8.33 -2.92 -31.65
N VAL D 157 -7.66 -2.93 -32.81
CA VAL D 157 -7.04 -1.71 -33.32
C VAL D 157 -8.11 -0.74 -33.83
N LYS D 158 -9.22 -1.27 -34.36
CA LYS D 158 -10.30 -0.41 -34.82
C LYS D 158 -10.86 0.42 -33.67
N HIS D 159 -11.12 -0.21 -32.52
CA HIS D 159 -11.75 0.46 -31.39
C HIS D 159 -10.76 1.19 -30.49
N SER D 160 -9.47 0.89 -30.56
CA SER D 160 -8.45 1.59 -29.78
C SER D 160 -7.23 1.79 -30.65
N PRO D 161 -7.27 2.74 -31.58
CA PRO D 161 -6.12 2.93 -32.48
C PRO D 161 -4.86 3.39 -31.77
N ASP D 162 -4.96 3.88 -30.54
CA ASP D 162 -3.81 4.33 -29.78
C ASP D 162 -3.35 3.32 -28.73
N THR D 163 -3.80 2.08 -28.84
CA THR D 163 -3.54 1.11 -27.81
C THR D 163 -2.17 0.46 -27.99
N ILE D 164 -1.71 -0.16 -26.91
CA ILE D 164 -0.54 -1.02 -26.88
C ILE D 164 -1.03 -2.45 -26.74
N LEU D 165 -0.45 -3.37 -27.51
CA LEU D 165 -0.83 -4.78 -27.44
C LEU D 165 0.17 -5.56 -26.60
N ILE D 166 -0.33 -6.37 -25.66
CA ILE D 166 0.51 -7.31 -24.95
C ILE D 166 -0.01 -8.70 -25.25
N ILE D 167 0.80 -9.49 -25.94
CA ILE D 167 0.40 -10.81 -26.40
C ILE D 167 0.90 -11.85 -25.40
N ALA D 168 -0.01 -12.69 -24.92
CA ALA D 168 0.34 -13.74 -23.96
C ALA D 168 0.11 -15.15 -24.49
N SER D 169 -0.52 -15.30 -25.65
CA SER D 169 -0.79 -16.62 -26.23
C SER D 169 0.51 -17.36 -26.53
N ASN D 170 0.47 -18.69 -26.42
CA ASN D 170 1.66 -19.48 -26.73
C ASN D 170 1.57 -20.07 -28.13
N PRO D 171 2.66 -20.15 -28.91
CA PRO D 171 4.02 -19.70 -28.59
C PRO D 171 4.18 -18.18 -28.72
N VAL D 172 4.64 -17.55 -27.65
CA VAL D 172 4.43 -16.12 -27.48
C VAL D 172 5.25 -15.30 -28.47
N ASP D 173 6.48 -15.72 -28.77
CA ASP D 173 7.32 -14.88 -29.61
C ASP D 173 6.76 -14.78 -31.02
N ILE D 174 6.48 -15.92 -31.65
CA ILE D 174 5.97 -15.86 -33.01
CA ILE D 174 5.93 -15.91 -33.01
C ILE D 174 4.58 -15.21 -33.04
N LEU D 175 3.75 -15.43 -32.02
CA LEU D 175 2.42 -14.83 -32.07
C LEU D 175 2.46 -13.33 -31.77
N THR D 176 3.50 -12.85 -31.09
CA THR D 176 3.68 -11.41 -30.97
C THR D 176 4.04 -10.81 -32.33
N TYR D 177 4.94 -11.47 -33.08
CA TYR D 177 5.20 -11.08 -34.46
C TYR D 177 3.92 -11.07 -35.27
N VAL D 178 3.12 -12.13 -35.17
CA VAL D 178 1.90 -12.22 -35.97
C VAL D 178 0.96 -11.09 -35.60
N SER D 179 0.77 -10.86 -34.30
CA SER D 179 -0.09 -9.77 -33.85
C SER D 179 0.41 -8.45 -34.36
N TRP D 180 1.73 -8.21 -34.27
CA TRP D 180 2.28 -6.94 -34.73
C TRP D 180 1.98 -6.74 -36.20
N LYS D 181 2.23 -7.76 -37.02
CA LYS D 181 1.98 -7.65 -38.45
C LYS D 181 0.50 -7.44 -38.74
N LEU D 182 -0.37 -8.21 -38.09
CA LEU D 182 -1.80 -8.02 -38.29
C LEU D 182 -2.25 -6.63 -37.85
N SER D 183 -1.54 -6.01 -36.90
CA SER D 183 -2.06 -4.82 -36.25
C SER D 183 -1.86 -3.57 -37.08
N GLY D 184 -0.81 -3.52 -37.88
CA GLY D 184 -0.37 -2.31 -38.53
C GLY D 184 0.21 -1.28 -37.60
N LEU D 185 0.37 -1.60 -36.31
CA LEU D 185 0.88 -0.68 -35.31
C LEU D 185 2.40 -0.55 -35.38
N PRO D 186 2.93 0.56 -34.88
CA PRO D 186 4.39 0.68 -34.77
C PRO D 186 4.97 -0.45 -33.90
N LYS D 187 6.20 -0.83 -34.23
CA LYS D 187 6.84 -1.94 -33.54
C LYS D 187 6.96 -1.70 -32.03
N HIS D 188 7.13 -0.45 -31.60
CA HIS D 188 7.29 -0.22 -30.17
C HIS D 188 5.97 -0.34 -29.40
N ARG D 189 4.85 -0.59 -30.07
CA ARG D 189 3.56 -0.67 -29.39
C ARG D 189 3.01 -2.09 -29.33
N VAL D 190 3.79 -3.10 -29.68
CA VAL D 190 3.35 -4.50 -29.59
C VAL D 190 4.46 -5.29 -28.90
N ILE D 191 4.15 -5.88 -27.74
CA ILE D 191 5.10 -6.74 -27.03
C ILE D 191 4.43 -8.05 -26.69
N GLY D 192 5.25 -9.00 -26.25
CA GLY D 192 4.73 -10.24 -25.72
C GLY D 192 5.21 -10.51 -24.31
N SER D 193 4.51 -11.40 -23.59
CA SER D 193 4.90 -11.67 -22.20
C SER D 193 6.31 -12.25 -22.13
N GLY D 194 6.71 -12.98 -23.17
CA GLY D 194 8.13 -13.31 -23.34
C GLY D 194 8.70 -13.97 -22.09
N THR D 195 9.92 -13.56 -21.72
CA THR D 195 10.65 -14.15 -20.61
C THR D 195 10.54 -13.33 -19.32
N ASN D 196 9.55 -12.44 -19.23
CA ASN D 196 9.49 -11.56 -18.07
C ASN D 196 9.32 -12.36 -16.78
N LEU D 197 8.36 -13.29 -16.78
CA LEU D 197 8.12 -14.14 -15.62
C LEU D 197 9.35 -14.99 -15.30
N ASP D 198 9.90 -15.65 -16.31
CA ASP D 198 11.04 -16.51 -16.08
C ASP D 198 12.24 -15.73 -15.55
N SER D 199 12.46 -14.51 -16.06
CA SER D 199 13.56 -13.68 -15.53
C SER D 199 13.33 -13.35 -14.06
N ALA D 200 12.09 -13.00 -13.70
CA ALA D 200 11.83 -12.65 -12.31
C ALA D 200 12.04 -13.85 -11.41
N ARG D 201 11.56 -15.03 -11.81
CA ARG D 201 11.72 -16.22 -10.99
C ARG D 201 13.20 -16.59 -10.91
N PHE D 202 13.93 -16.41 -12.01
CA PHE D 202 15.37 -16.61 -12.05
C PHE D 202 16.07 -15.74 -10.99
N ARG D 203 15.74 -14.46 -10.94
CA ARG D 203 16.35 -13.60 -9.93
C ARG D 203 15.95 -14.03 -8.52
N TYR D 204 14.69 -14.43 -8.36
CA TYR D 204 14.27 -14.86 -7.03
C TYR D 204 15.08 -16.06 -6.55
N LEU D 205 15.27 -17.04 -7.43
CA LEU D 205 15.96 -18.26 -7.02
C LEU D 205 17.45 -18.00 -6.78
N LEU D 206 18.06 -17.11 -7.57
CA LEU D 206 19.45 -16.71 -7.27
C LEU D 206 19.53 -16.08 -5.89
N SER D 207 18.61 -15.18 -5.60
CA SER D 207 18.57 -14.53 -4.29
C SER D 207 18.37 -15.55 -3.17
N GLU D 208 17.50 -16.52 -3.39
CA GLU D 208 17.26 -17.55 -2.38
C GLU D 208 18.50 -18.37 -2.10
N LYS D 209 19.23 -18.73 -3.15
CA LYS D 209 20.47 -19.49 -2.98
C LYS D 209 21.53 -18.70 -2.21
N LEU D 210 21.61 -17.38 -2.44
CA LEU D 210 22.61 -16.51 -1.84
C LEU D 210 22.21 -15.94 -0.49
N GLY D 211 20.95 -16.06 -0.07
CA GLY D 211 20.53 -15.48 1.18
C GLY D 211 20.52 -13.96 1.17
N ILE D 212 20.29 -13.35 0.01
CA ILE D 212 20.18 -11.91 -0.05
CA ILE D 212 20.26 -11.90 -0.19
C ILE D 212 18.94 -11.54 -0.86
N ALA D 213 18.39 -10.37 -0.54
CA ALA D 213 17.09 -10.00 -1.10
C ALA D 213 17.13 -9.96 -2.62
N THR D 214 15.99 -10.29 -3.23
CA THR D 214 15.87 -10.26 -4.68
C THR D 214 16.15 -8.88 -5.27
N THR D 215 15.86 -7.82 -4.53
CA THR D 215 16.12 -6.46 -5.00
C THR D 215 17.60 -6.17 -5.19
N SER D 216 18.50 -7.04 -4.72
CA SER D 216 19.92 -6.86 -4.97
C SER D 216 20.48 -7.92 -5.91
N CYS D 217 19.64 -8.77 -6.46
CA CYS D 217 20.09 -9.77 -7.42
C CYS D 217 19.52 -9.38 -8.79
N HIS D 218 20.42 -9.16 -9.75
CA HIS D 218 20.03 -8.58 -11.02
C HIS D 218 20.42 -9.50 -12.17
N GLY D 219 19.59 -9.54 -13.20
CA GLY D 219 19.89 -10.39 -14.33
C GLY D 219 18.65 -10.72 -15.13
N TYR D 220 18.87 -11.20 -16.36
CA TYR D 220 17.77 -11.47 -17.27
C TYR D 220 17.99 -12.76 -18.03
N ILE D 221 16.87 -13.39 -18.35
CA ILE D 221 16.78 -14.41 -19.37
C ILE D 221 16.18 -13.75 -20.61
N ILE D 222 16.77 -13.99 -21.77
CA ILE D 222 16.35 -13.35 -23.00
C ILE D 222 16.14 -14.42 -24.07
N GLY D 223 15.74 -13.96 -25.25
CA GLY D 223 15.62 -14.85 -26.39
C GLY D 223 14.27 -15.52 -26.50
N GLU D 224 14.29 -16.76 -26.97
CA GLU D 224 13.06 -17.51 -27.20
C GLU D 224 12.53 -18.12 -25.91
N HIS D 225 11.25 -17.88 -25.65
CA HIS D 225 10.64 -18.34 -24.40
C HIS D 225 10.76 -19.86 -24.28
N GLY D 226 11.19 -20.33 -23.10
CA GLY D 226 11.23 -21.75 -22.88
C GLY D 226 12.61 -22.38 -22.90
N ASP D 227 12.71 -23.57 -23.48
CA ASP D 227 13.94 -24.36 -23.37
CA ASP D 227 13.94 -24.35 -23.36
C ASP D 227 15.12 -23.67 -24.04
N SER D 228 14.89 -22.88 -25.08
CA SER D 228 15.98 -22.23 -25.79
C SER D 228 16.31 -20.85 -25.25
N SER D 229 15.63 -20.39 -24.20
CA SER D 229 15.94 -19.05 -23.69
C SER D 229 17.36 -18.99 -23.17
N VAL D 230 17.88 -17.78 -23.09
CA VAL D 230 19.30 -17.52 -22.84
C VAL D 230 19.42 -16.83 -21.48
N PRO D 231 19.97 -17.49 -20.46
CA PRO D 231 20.34 -16.75 -19.25
C PRO D 231 21.57 -15.90 -19.55
N VAL D 232 21.47 -14.60 -19.30
CA VAL D 232 22.59 -13.72 -19.64
C VAL D 232 23.49 -13.61 -18.42
N TRP D 233 24.22 -14.68 -18.16
CA TRP D 233 25.08 -14.77 -16.98
C TRP D 233 26.09 -13.61 -16.93
N SER D 234 26.56 -13.16 -18.10
CA SER D 234 27.54 -12.08 -18.13
C SER D 234 27.02 -10.79 -17.49
N GLY D 235 25.70 -10.62 -17.41
CA GLY D 235 25.09 -9.48 -16.77
C GLY D 235 24.56 -9.73 -15.38
N VAL D 236 24.61 -10.98 -14.91
CA VAL D 236 24.10 -11.27 -13.57
C VAL D 236 25.02 -10.68 -12.52
N ASN D 237 24.47 -9.90 -11.62
CA ASN D 237 25.29 -9.37 -10.56
C ASN D 237 24.50 -9.29 -9.25
N ILE D 238 25.24 -9.27 -8.16
CA ILE D 238 24.68 -9.14 -6.83
C ILE D 238 25.25 -7.83 -6.27
N ALA D 239 24.40 -6.81 -6.14
CA ALA D 239 24.84 -5.52 -5.62
C ALA D 239 26.00 -4.96 -6.44
N GLY D 240 25.96 -5.18 -7.76
CA GLY D 240 27.01 -4.70 -8.63
C GLY D 240 28.23 -5.59 -8.73
N VAL D 241 28.25 -6.75 -8.07
CA VAL D 241 29.37 -7.68 -8.16
C VAL D 241 28.95 -8.82 -9.09
N ARG D 242 29.69 -8.98 -10.19
CA ARG D 242 29.46 -10.08 -11.12
C ARG D 242 29.73 -11.43 -10.44
N LEU D 243 29.02 -12.47 -10.88
CA LEU D 243 29.01 -13.74 -10.16
C LEU D 243 30.40 -14.36 -10.06
N SER D 244 31.21 -14.27 -11.11
CA SER D 244 32.57 -14.79 -11.03
C SER D 244 33.40 -14.07 -9.97
N ASP D 245 32.94 -12.91 -9.49
CA ASP D 245 33.71 -12.15 -8.50
C ASP D 245 33.16 -12.27 -7.08
N LEU D 246 32.07 -13.00 -6.87
CA LEU D 246 31.42 -13.00 -5.56
C LEU D 246 32.35 -13.58 -4.51
N ASN D 247 32.59 -12.80 -3.45
CA ASN D 247 33.37 -13.23 -2.30
C ASN D 247 32.51 -13.03 -1.05
N GLN D 248 31.48 -13.87 -0.91
CA GLN D 248 30.56 -13.77 0.22
C GLN D 248 30.62 -15.01 1.09
N ASN D 258 26.76 -25.70 -12.40
CA ASN D 258 26.30 -25.31 -11.08
C ASN D 258 25.12 -24.34 -11.17
N TRP D 259 25.42 -23.04 -11.25
CA TRP D 259 24.39 -22.02 -11.36
C TRP D 259 23.44 -22.29 -12.53
N LYS D 260 23.96 -22.89 -13.60
CA LYS D 260 23.15 -23.14 -14.79
C LYS D 260 21.87 -23.87 -14.44
N GLU D 261 21.90 -24.68 -13.38
CA GLU D 261 20.72 -25.45 -13.00
C GLU D 261 19.56 -24.55 -12.64
N THR D 262 19.83 -23.33 -12.18
CA THR D 262 18.76 -22.41 -11.85
C THR D 262 17.97 -22.02 -13.10
N HIS D 263 18.67 -21.77 -14.21
CA HIS D 263 17.94 -21.49 -15.44
C HIS D 263 17.13 -22.70 -15.88
N THR D 264 17.77 -23.87 -15.89
CA THR D 264 17.08 -25.09 -16.31
C THR D 264 15.83 -25.33 -15.48
N MET D 265 15.94 -25.18 -14.16
CA MET D 265 14.80 -25.38 -13.26
CA MET D 265 14.76 -25.44 -13.34
C MET D 265 13.68 -24.40 -13.56
N VAL D 266 14.03 -23.15 -13.90
CA VAL D 266 12.97 -22.18 -14.16
C VAL D 266 12.18 -22.57 -15.42
N VAL D 267 12.85 -23.03 -16.47
CA VAL D 267 12.06 -23.50 -17.64
C VAL D 267 11.48 -24.91 -17.40
N LYS D 268 12.11 -25.75 -16.58
CA LYS D 268 11.53 -27.07 -16.35
C LYS D 268 10.26 -26.95 -15.49
N SER D 269 10.29 -26.09 -14.47
CA SER D 269 9.12 -25.86 -13.62
C SER D 269 7.93 -25.35 -14.42
N ALA D 270 8.17 -24.47 -15.40
CA ALA D 270 7.07 -23.87 -16.15
C ALA D 270 6.24 -24.94 -16.86
N TYR D 271 6.90 -25.96 -17.39
CA TYR D 271 6.19 -27.02 -18.12
C TYR D 271 5.61 -28.06 -17.18
N GLU D 272 6.24 -28.26 -16.02
CA GLU D 272 5.70 -29.20 -15.05
CA GLU D 272 5.70 -29.20 -15.05
C GLU D 272 4.32 -28.77 -14.56
N VAL D 273 4.10 -27.46 -14.43
CA VAL D 273 2.80 -26.97 -13.94
C VAL D 273 1.66 -27.43 -14.85
N ILE D 274 1.89 -27.34 -16.16
CA ILE D 274 0.85 -27.69 -17.13
C ILE D 274 0.51 -29.18 -17.05
N LYS D 275 1.51 -30.03 -16.85
CA LYS D 275 1.23 -31.45 -16.70
C LYS D 275 0.43 -31.74 -15.44
N LEU D 276 0.57 -30.91 -14.40
CA LEU D 276 -0.01 -31.24 -13.11
C LEU D 276 -1.41 -30.68 -12.92
N LYS D 277 -1.64 -29.42 -13.28
CA LYS D 277 -2.96 -28.81 -13.16
C LYS D 277 -3.59 -28.46 -14.50
N GLY D 278 -2.94 -28.78 -15.63
CA GLY D 278 -3.58 -28.65 -16.92
C GLY D 278 -3.30 -27.37 -17.66
N TYR D 279 -2.73 -26.36 -16.99
CA TYR D 279 -2.57 -25.01 -17.51
C TYR D 279 -1.77 -24.25 -16.47
N THR D 280 -1.23 -23.10 -16.85
CA THR D 280 -0.72 -22.13 -15.89
CA THR D 280 -0.71 -22.14 -15.90
C THR D 280 -1.63 -20.93 -15.87
N SER D 281 -1.70 -20.28 -14.71
CA SER D 281 -2.60 -19.14 -14.65
C SER D 281 -2.05 -18.05 -13.73
N TRP D 282 -1.74 -18.39 -12.48
CA TRP D 282 -1.42 -17.35 -11.49
C TRP D 282 -0.15 -16.61 -11.85
N ALA D 283 0.90 -17.35 -12.22
CA ALA D 283 2.21 -16.74 -12.47
C ALA D 283 2.18 -15.84 -13.69
N ILE D 284 1.64 -16.33 -14.81
CA ILE D 284 1.53 -15.48 -15.99
C ILE D 284 0.56 -14.33 -15.73
N GLY D 285 -0.53 -14.58 -14.98
CA GLY D 285 -1.40 -13.47 -14.58
C GLY D 285 -0.66 -12.36 -13.86
N LEU D 286 0.22 -12.72 -12.92
CA LEU D 286 0.98 -11.72 -12.17
C LEU D 286 1.98 -11.01 -13.06
N SER D 287 2.59 -11.74 -13.97
CA SER D 287 3.52 -11.12 -14.92
C SER D 287 2.82 -10.09 -15.78
N LEU D 288 1.65 -10.44 -16.32
CA LEU D 288 0.90 -9.52 -17.16
C LEU D 288 0.49 -8.28 -16.38
N SER D 289 0.04 -8.45 -15.14
CA SER D 289 -0.28 -7.31 -14.29
C SER D 289 0.93 -6.39 -14.12
N GLN D 290 2.12 -6.97 -13.91
CA GLN D 290 3.31 -6.13 -13.75
C GLN D 290 3.62 -5.34 -15.01
N LEU D 291 3.55 -5.99 -16.18
CA LEU D 291 3.79 -5.28 -17.44
C LEU D 291 2.77 -4.16 -17.64
N ALA D 292 1.51 -4.43 -17.34
CA ALA D 292 0.50 -3.38 -17.45
C ALA D 292 0.81 -2.20 -16.53
N ARG D 293 1.20 -2.48 -15.28
CA ARG D 293 1.50 -1.37 -14.35
C ARG D 293 2.65 -0.52 -14.86
N ALA D 294 3.69 -1.16 -15.42
CA ALA D 294 4.83 -0.41 -15.92
C ALA D 294 4.39 0.55 -17.02
N ILE D 295 3.58 0.06 -17.94
CA ILE D 295 3.11 0.90 -19.04
C ILE D 295 2.19 2.00 -18.52
N LEU D 296 1.18 1.65 -17.74
CA LEU D 296 0.18 2.64 -17.31
C LEU D 296 0.77 3.69 -16.39
N SER D 297 1.69 3.31 -15.50
CA SER D 297 2.29 4.28 -14.57
C SER D 297 3.50 5.00 -15.16
N ASN D 298 3.84 4.75 -16.43
CA ASN D 298 4.99 5.38 -17.08
C ASN D 298 6.28 5.17 -16.28
N ALA D 299 6.51 3.92 -15.85
CA ALA D 299 7.59 3.63 -14.90
C ALA D 299 8.98 3.72 -15.53
N ASN D 300 9.10 3.46 -16.83
CA ASN D 300 10.39 3.26 -17.47
C ASN D 300 11.21 2.19 -16.76
N SER D 301 10.52 1.20 -16.20
CA SER D 301 11.15 0.03 -15.61
C SER D 301 11.48 -0.98 -16.70
N VAL D 302 12.41 -1.88 -16.40
CA VAL D 302 12.96 -2.77 -17.41
C VAL D 302 12.34 -4.16 -17.25
N HIS D 303 11.85 -4.71 -18.36
CA HIS D 303 11.17 -6.00 -18.37
C HIS D 303 11.60 -6.75 -19.62
N ALA D 304 11.93 -8.03 -19.46
CA ALA D 304 12.28 -8.86 -20.62
C ALA D 304 10.99 -9.30 -21.27
N VAL D 305 10.70 -8.78 -22.46
CA VAL D 305 9.44 -9.05 -23.15
C VAL D 305 9.75 -9.30 -24.62
N SER D 306 8.87 -10.05 -25.27
CA SER D 306 8.99 -10.29 -26.71
C SER D 306 8.88 -8.97 -27.47
N THR D 307 9.90 -8.66 -28.25
CA THR D 307 9.98 -7.33 -28.85
C THR D 307 10.66 -7.45 -30.21
N TYR D 308 10.39 -6.45 -31.05
CA TYR D 308 10.94 -6.39 -32.41
C TYR D 308 12.46 -6.42 -32.37
N LEU D 309 13.04 -7.46 -32.96
CA LEU D 309 14.45 -7.74 -32.80
C LEU D 309 15.35 -7.19 -33.89
N LYS D 310 14.85 -7.04 -35.13
CA LYS D 310 15.70 -6.67 -36.26
C LYS D 310 16.45 -5.38 -35.96
N GLY D 311 17.77 -5.41 -36.19
CA GLY D 311 18.61 -4.26 -35.90
C GLY D 311 19.34 -4.31 -34.57
N GLU D 312 18.97 -5.24 -33.69
CA GLU D 312 19.69 -5.43 -32.44
C GLU D 312 20.52 -6.69 -32.55
N HIS D 313 21.70 -6.67 -31.93
CA HIS D 313 22.57 -7.84 -31.83
C HIS D 313 22.89 -8.44 -33.19
N ASP D 314 23.05 -7.57 -34.19
CA ASP D 314 23.31 -7.93 -35.59
C ASP D 314 22.23 -8.81 -36.20
N ILE D 315 21.01 -8.80 -35.68
CA ILE D 315 19.92 -9.60 -36.26
CA ILE D 315 19.96 -9.61 -36.28
C ILE D 315 19.34 -8.86 -37.44
N ASN D 316 19.21 -9.54 -38.58
CA ASN D 316 18.64 -8.92 -39.77
C ASN D 316 17.23 -9.40 -40.07
N ASP D 317 16.78 -10.49 -39.46
CA ASP D 317 15.45 -11.02 -39.71
C ASP D 317 14.43 -10.25 -38.88
N GLU D 318 13.25 -10.02 -39.46
CA GLU D 318 12.17 -9.34 -38.77
C GLU D 318 11.43 -10.39 -37.92
N VAL D 319 11.93 -10.63 -36.71
CA VAL D 319 11.36 -11.57 -35.76
C VAL D 319 11.20 -10.88 -34.42
N PHE D 320 10.50 -11.54 -33.51
CA PHE D 320 10.33 -11.05 -32.14
C PHE D 320 10.92 -12.09 -31.18
N LEU D 321 11.73 -11.62 -30.22
CA LEU D 321 12.22 -12.43 -29.11
C LEU D 321 12.34 -11.52 -27.90
N SER D 322 12.53 -12.11 -26.72
CA SER D 322 12.64 -11.27 -25.52
C SER D 322 14.00 -10.58 -25.42
N LEU D 323 13.97 -9.29 -25.12
CA LEU D 323 15.12 -8.52 -24.67
C LEU D 323 14.63 -7.67 -23.49
N PRO D 324 15.52 -7.24 -22.60
CA PRO D 324 15.09 -6.32 -21.55
C PRO D 324 14.71 -4.99 -22.19
N CYS D 325 13.46 -4.57 -22.00
CA CYS D 325 12.93 -3.35 -22.59
C CYS D 325 12.55 -2.36 -21.50
N VAL D 326 12.78 -1.08 -21.80
CA VAL D 326 12.29 0.02 -20.98
C VAL D 326 10.84 0.27 -21.37
N LEU D 327 9.91 0.11 -20.42
CA LEU D 327 8.50 0.18 -20.72
C LEU D 327 7.89 1.42 -20.07
N GLY D 328 7.14 2.18 -20.85
CA GLY D 328 6.44 3.37 -20.36
C GLY D 328 5.13 3.58 -21.09
N ARG D 329 4.57 4.79 -20.99
CA ARG D 329 3.25 5.06 -21.55
C ARG D 329 3.21 4.86 -23.06
N SER D 330 4.33 5.02 -23.75
CA SER D 330 4.30 4.88 -25.19
C SER D 330 4.63 3.47 -25.65
N GLY D 331 4.86 2.55 -24.71
CA GLY D 331 5.21 1.19 -25.05
C GLY D 331 6.67 0.92 -24.80
N VAL D 332 7.38 0.40 -25.81
CA VAL D 332 8.82 0.16 -25.69
C VAL D 332 9.54 1.47 -25.95
N CYS D 333 10.05 2.10 -24.90
CA CYS D 333 10.83 3.32 -25.06
C CYS D 333 12.22 3.03 -25.62
N ASP D 334 12.79 1.90 -25.23
CA ASP D 334 14.16 1.56 -25.60
C ASP D 334 14.36 0.09 -25.25
N VAL D 335 15.41 -0.48 -25.85
CA VAL D 335 15.84 -1.84 -25.54
C VAL D 335 17.19 -1.74 -24.85
N ILE D 336 17.35 -2.46 -23.74
CA ILE D 336 18.66 -2.53 -23.08
C ILE D 336 19.57 -3.36 -23.96
N ARG D 337 20.68 -2.76 -24.37
CA ARG D 337 21.62 -3.42 -25.29
C ARG D 337 22.74 -4.03 -24.46
N GLN D 338 22.64 -5.35 -24.22
CA GLN D 338 23.60 -6.05 -23.38
C GLN D 338 24.79 -6.53 -24.20
N PRO D 339 25.99 -6.40 -23.67
CA PRO D 339 27.15 -7.02 -24.33
C PRO D 339 27.10 -8.53 -24.19
N LEU D 340 26.65 -9.24 -25.22
CA LEU D 340 26.53 -10.69 -25.14
C LEU D 340 27.83 -11.39 -25.49
N THR D 341 28.06 -12.54 -24.86
CA THR D 341 29.15 -13.38 -25.32
C THR D 341 28.81 -13.99 -26.68
N GLN D 342 29.83 -14.55 -27.34
CA GLN D 342 29.58 -15.20 -28.62
C GLN D 342 28.59 -16.35 -28.45
N THR D 343 28.67 -17.08 -27.34
CA THR D 343 27.72 -18.16 -27.14
C THR D 343 26.32 -17.61 -26.94
N GLU D 344 26.18 -16.56 -26.13
CA GLU D 344 24.87 -15.96 -25.93
C GLU D 344 24.31 -15.41 -27.25
N ARG D 345 25.15 -14.74 -28.03
CA ARG D 345 24.65 -14.14 -29.27
C ARG D 345 24.33 -15.21 -30.31
N SER D 346 25.14 -16.27 -30.36
CA SER D 346 24.87 -17.37 -31.29
C SER D 346 23.52 -18.02 -30.99
N GLN D 347 23.21 -18.20 -29.70
CA GLN D 347 21.91 -18.77 -29.34
C GLN D 347 20.77 -17.87 -29.79
N LEU D 348 20.92 -16.57 -29.59
CA LEU D 348 19.89 -15.63 -30.02
C LEU D 348 19.71 -15.70 -31.53
N HIS D 349 20.81 -15.73 -32.27
CA HIS D 349 20.73 -15.82 -33.73
C HIS D 349 20.15 -17.16 -34.18
N GLN D 350 20.48 -18.24 -33.50
CA GLN D 350 19.89 -19.54 -33.82
C GLN D 350 18.36 -19.49 -33.66
N SER D 351 17.88 -18.88 -32.58
CA SER D 351 16.43 -18.77 -32.37
C SER D 351 15.79 -17.88 -33.43
N ALA D 352 16.45 -16.75 -33.74
CA ALA D 352 15.92 -15.83 -34.73
C ALA D 352 15.86 -16.49 -36.10
N ASP D 353 16.94 -17.21 -36.48
CA ASP D 353 16.94 -17.95 -37.74
C ASP D 353 15.77 -18.90 -37.84
N LEU D 354 15.52 -19.66 -36.77
CA LEU D 354 14.44 -20.64 -36.80
C LEU D 354 13.08 -19.95 -36.85
N MET D 355 12.92 -18.86 -36.10
CA MET D 355 11.68 -18.12 -36.13
C MET D 355 11.38 -17.58 -37.51
N ALA D 356 12.38 -17.02 -38.19
CA ALA D 356 12.17 -16.50 -39.53
C ALA D 356 11.65 -17.59 -40.48
N LYS D 357 12.16 -18.82 -40.35
CA LYS D 357 11.73 -19.88 -41.24
C LYS D 357 10.28 -20.29 -40.98
N VAL D 358 9.87 -20.32 -39.71
CA VAL D 358 8.48 -20.68 -39.40
C VAL D 358 7.53 -19.59 -39.87
N GLN D 359 7.87 -18.32 -39.59
CA GLN D 359 7.06 -17.21 -40.07
C GLN D 359 6.87 -17.24 -41.58
N ALA D 360 7.88 -17.70 -42.31
CA ALA D 360 7.80 -17.75 -43.77
C ALA D 360 6.72 -18.71 -44.24
N GLY D 361 6.28 -19.63 -43.40
CA GLY D 361 5.24 -20.56 -43.76
C GLY D 361 3.85 -20.17 -43.30
N ILE D 362 3.72 -19.08 -42.55
CA ILE D 362 2.43 -18.63 -42.05
C ILE D 362 1.63 -18.00 -43.17
N LYS D 363 0.37 -18.42 -43.31
CA LYS D 363 -0.52 -17.84 -44.31
C LYS D 363 -1.33 -16.75 -43.63
N PHE D 364 -1.08 -15.50 -44.01
CA PHE D 364 -1.82 -14.37 -43.45
C PHE D 364 -3.12 -14.14 -44.21
#